data_1JS3
#
_entry.id   1JS3
#
_cell.length_a   154.360
_cell.length_b   154.360
_cell.length_c   86.780
_cell.angle_alpha   90.00
_cell.angle_beta   90.00
_cell.angle_gamma   120.00
#
_symmetry.space_group_name_H-M   'P 62'
#
loop_
_entity.id
_entity.type
_entity.pdbx_description
1 polymer 'DOPA decarboxylase'
2 non-polymer 'SULFATE ION'
3 non-polymer "PYRIDOXAL-5'-PHOSPHATE"
4 non-polymer CARBIDOPA
5 water water
#
_entity_poly.entity_id   1
_entity_poly.type   'polypeptide(L)'
_entity_poly.pdbx_seq_one_letter_code
;MNASDFRRRGKEMVDYMADYLEGIEGRQVYPDVQPGYLRPLIPATAPQEPDTFEDILQDVEKIIMPGVTHWHSPYFFAYF
PTASSYPAMLADMLCGAIGCIGFSWAASPACTELETVMMDWLGKMLQLPEAFLAGEAGEGGGVIQGSASEATLVALLAAR
TKVVRRLQAASPGLTQGAVLEKLVAYASDQAHSSVERAGLIGGVKLKAIPSDGKFAMRASALQEALERDKAAGLIPFFVV
ATLGTTSCCSFDNLLEVGPICHEEDIWLHVDAAYAGSAFICPEFRHLLNGVEFADSFNFNPHKWLLVNFDCSAMWVKRRT
DLTGAFKLDPVYLKHSHQGSGLITDYRHWQLPLGRRFRSLKMWFVFRMYGVKGLQAYIRKHVQLSHEFEAFVLQDPRFEV
CAEVTLGLVCFRLKGSDGLNEALLERINSARKIHLVPCRLRGQFVLRFAICSRKVESGHVRLAWEHIRGLAAELLAAEEG
KAEIKS
;
_entity_poly.pdbx_strand_id   A,B
#
loop_
_chem_comp.id
_chem_comp.type
_chem_comp.name
_chem_comp.formula
142 non-polymer CARBIDOPA 'C10 H14 N2 O4'
PLP non-polymer PYRIDOXAL-5'-PHOSPHATE 'C8 H10 N O6 P'
SO4 non-polymer 'SULFATE ION' 'O4 S -2'
#
# COMPACT_ATOMS: atom_id res chain seq x y z
N MET A 1 -10.36 4.91 -24.14
CA MET A 1 -11.85 4.93 -24.05
C MET A 1 -12.43 6.15 -23.30
N ASN A 2 -13.70 6.47 -23.55
CA ASN A 2 -14.36 7.63 -22.93
C ASN A 2 -15.51 7.24 -21.99
N ALA A 3 -16.15 8.24 -21.41
CA ALA A 3 -17.25 8.03 -20.46
C ALA A 3 -18.40 7.20 -21.00
N SER A 4 -18.80 7.43 -22.25
CA SER A 4 -19.92 6.67 -22.79
C SER A 4 -19.49 5.21 -22.97
N ASP A 5 -18.25 4.98 -23.39
CA ASP A 5 -17.77 3.62 -23.55
C ASP A 5 -17.74 2.97 -22.18
N PHE A 6 -17.34 3.74 -21.18
CA PHE A 6 -17.26 3.19 -19.83
C PHE A 6 -18.63 2.84 -19.30
N ARG A 7 -19.63 3.67 -19.59
CA ARG A 7 -20.97 3.37 -19.12
C ARG A 7 -21.38 1.98 -19.63
N ARG A 8 -20.99 1.68 -20.85
CA ARG A 8 -21.34 0.38 -21.42
C ARG A 8 -20.46 -0.75 -20.87
N ARG A 9 -19.14 -0.61 -20.95
CA ARG A 9 -18.22 -1.64 -20.46
C ARG A 9 -18.25 -1.81 -18.96
N GLY A 10 -18.40 -0.70 -18.24
CA GLY A 10 -18.46 -0.77 -16.80
C GLY A 10 -19.63 -1.63 -16.36
N LYS A 11 -20.76 -1.50 -17.04
CA LYS A 11 -21.92 -2.31 -16.69
C LYS A 11 -21.70 -3.76 -17.08
N GLU A 12 -20.96 -3.99 -18.16
CA GLU A 12 -20.64 -5.36 -18.56
C GLU A 12 -19.73 -5.96 -17.48
N MET A 13 -18.77 -5.18 -17.03
CA MET A 13 -17.83 -5.65 -16.02
C MET A 13 -18.60 -6.00 -14.75
N VAL A 14 -19.60 -5.19 -14.42
CA VAL A 14 -20.39 -5.47 -13.23
C VAL A 14 -21.03 -6.86 -13.35
N ASP A 15 -21.59 -7.17 -14.51
CA ASP A 15 -22.22 -8.47 -14.70
C ASP A 15 -21.16 -9.57 -14.63
N TYR A 16 -19.98 -9.31 -15.18
CA TYR A 16 -18.91 -10.30 -15.17
C TYR A 16 -18.50 -10.59 -13.73
N MET A 17 -18.39 -9.55 -12.91
CA MET A 17 -18.01 -9.69 -11.50
C MET A 17 -19.06 -10.48 -10.74
N ALA A 18 -20.33 -10.13 -10.95
CA ALA A 18 -21.42 -10.82 -10.30
C ALA A 18 -21.46 -12.29 -10.75
N ASP A 19 -21.30 -12.53 -12.06
CA ASP A 19 -21.29 -13.89 -12.57
C ASP A 19 -20.19 -14.73 -11.93
N TYR A 20 -18.99 -14.14 -11.83
CA TYR A 20 -17.86 -14.85 -11.26
C TYR A 20 -18.15 -15.25 -9.81
N LEU A 21 -18.45 -14.27 -8.97
CA LEU A 21 -18.74 -14.57 -7.56
C LEU A 21 -19.94 -15.49 -7.42
N GLU A 22 -20.97 -15.26 -8.22
CA GLU A 22 -22.18 -16.08 -8.14
C GLU A 22 -21.99 -17.54 -8.53
N GLY A 23 -21.19 -17.81 -9.56
CA GLY A 23 -20.98 -19.19 -9.95
C GLY A 23 -19.66 -19.74 -9.49
N ILE A 24 -19.03 -19.06 -8.52
CA ILE A 24 -17.73 -19.48 -8.02
C ILE A 24 -17.66 -20.90 -7.46
N GLU A 25 -18.77 -21.42 -6.99
CA GLU A 25 -18.80 -22.77 -6.45
C GLU A 25 -18.48 -23.81 -7.54
N GLY A 26 -18.68 -23.43 -8.80
CA GLY A 26 -18.38 -24.35 -9.89
C GLY A 26 -16.93 -24.31 -10.35
N ARG A 27 -16.11 -23.50 -9.69
CA ARG A 27 -14.70 -23.39 -10.06
C ARG A 27 -13.87 -24.31 -9.19
N GLN A 28 -12.78 -24.82 -9.74
CA GLN A 28 -11.89 -25.65 -8.95
C GLN A 28 -11.14 -24.61 -8.10
N VAL A 29 -11.12 -24.79 -6.78
CA VAL A 29 -10.47 -23.81 -5.91
C VAL A 29 -8.99 -23.54 -6.17
N TYR A 30 -8.19 -24.59 -6.16
CA TYR A 30 -6.76 -24.46 -6.38
C TYR A 30 -6.44 -24.81 -7.83
N PRO A 31 -5.56 -24.04 -8.48
CA PRO A 31 -5.20 -24.29 -9.88
C PRO A 31 -4.25 -25.47 -10.16
N ASP A 32 -4.31 -26.00 -11.38
CA ASP A 32 -3.45 -27.10 -11.80
C ASP A 32 -2.30 -26.62 -12.63
N VAL A 33 -2.31 -25.33 -12.87
CA VAL A 33 -1.29 -24.67 -13.64
C VAL A 33 0.07 -24.80 -12.92
N GLN A 34 1.14 -24.77 -13.72
CA GLN A 34 2.50 -24.89 -13.21
C GLN A 34 3.15 -23.50 -13.19
N PRO A 35 4.11 -23.26 -12.29
CA PRO A 35 4.75 -21.95 -12.26
C PRO A 35 5.35 -21.62 -13.64
N GLY A 36 5.08 -20.41 -14.13
CA GLY A 36 5.62 -19.98 -15.40
C GLY A 36 4.65 -20.22 -16.53
N TYR A 37 3.45 -20.70 -16.22
CA TYR A 37 2.47 -21.00 -17.26
C TYR A 37 2.00 -19.81 -18.08
N LEU A 38 2.00 -18.63 -17.48
CA LEU A 38 1.46 -17.46 -18.15
C LEU A 38 2.23 -16.78 -19.26
N ARG A 39 3.51 -16.54 -19.06
CA ARG A 39 4.27 -15.84 -20.09
C ARG A 39 4.10 -16.35 -21.53
N PRO A 40 4.17 -17.68 -21.77
CA PRO A 40 4.01 -18.15 -23.15
C PRO A 40 2.64 -17.97 -23.76
N LEU A 41 1.65 -17.68 -22.92
CA LEU A 41 0.27 -17.51 -23.40
C LEU A 41 -0.10 -16.10 -23.82
N ILE A 42 0.77 -15.13 -23.55
CA ILE A 42 0.44 -13.76 -23.96
C ILE A 42 1.62 -13.16 -24.68
N PRO A 43 1.38 -12.11 -25.48
CA PRO A 43 2.43 -11.43 -26.23
C PRO A 43 3.60 -11.00 -25.37
N ALA A 44 4.77 -10.90 -25.99
CA ALA A 44 5.98 -10.51 -25.29
C ALA A 44 6.11 -9.00 -25.24
N THR A 45 5.21 -8.34 -25.94
CA THR A 45 5.24 -6.89 -26.01
C THR A 45 3.83 -6.33 -25.95
N ALA A 46 3.70 -5.08 -25.50
CA ALA A 46 2.40 -4.42 -25.42
C ALA A 46 1.94 -4.15 -26.84
N PRO A 47 0.62 -4.11 -27.09
CA PRO A 47 0.13 -3.84 -28.43
C PRO A 47 0.33 -2.39 -28.83
N GLN A 48 0.64 -2.14 -30.10
CA GLN A 48 0.83 -0.77 -30.57
C GLN A 48 -0.52 -0.08 -30.67
N GLU A 49 -1.52 -0.86 -31.06
CA GLU A 49 -2.90 -0.38 -31.22
C GLU A 49 -3.77 -1.10 -30.23
N PRO A 50 -4.90 -0.47 -29.87
CA PRO A 50 -5.84 -1.03 -28.90
C PRO A 50 -6.34 -2.44 -29.18
N ASP A 51 -6.54 -3.22 -28.12
CA ASP A 51 -7.13 -4.55 -28.25
C ASP A 51 -8.57 -4.22 -27.89
N THR A 52 -9.52 -5.11 -28.14
CA THR A 52 -10.89 -4.80 -27.78
C THR A 52 -11.15 -5.29 -26.35
N PHE A 53 -12.18 -4.73 -25.73
CA PHE A 53 -12.56 -5.11 -24.38
C PHE A 53 -12.97 -6.58 -24.36
N GLU A 54 -13.67 -7.00 -25.42
CA GLU A 54 -14.13 -8.38 -25.57
C GLU A 54 -12.95 -9.34 -25.54
N ASP A 55 -11.88 -8.98 -26.25
CA ASP A 55 -10.71 -9.83 -26.30
C ASP A 55 -10.07 -9.94 -24.91
N ILE A 56 -9.99 -8.82 -24.19
CA ILE A 56 -9.40 -8.83 -22.85
C ILE A 56 -10.23 -9.72 -21.93
N LEU A 57 -11.55 -9.59 -21.99
CA LEU A 57 -12.41 -10.39 -21.12
C LEU A 57 -12.29 -11.88 -21.43
N GLN A 58 -12.03 -12.22 -22.70
CA GLN A 58 -11.86 -13.61 -23.08
C GLN A 58 -10.56 -14.12 -22.47
N ASP A 59 -9.52 -13.28 -22.50
CA ASP A 59 -8.24 -13.64 -21.93
C ASP A 59 -8.36 -13.79 -20.42
N VAL A 60 -9.19 -12.97 -19.78
CA VAL A 60 -9.33 -13.10 -18.35
C VAL A 60 -9.83 -14.50 -18.05
N GLU A 61 -10.89 -14.87 -18.76
CA GLU A 61 -11.51 -16.16 -18.55
C GLU A 61 -10.65 -17.37 -18.95
N LYS A 62 -9.95 -17.27 -20.07
CA LYS A 62 -9.16 -18.39 -20.57
C LYS A 62 -7.71 -18.48 -20.17
N ILE A 63 -7.10 -17.35 -19.84
CA ILE A 63 -5.70 -17.33 -19.48
C ILE A 63 -5.48 -16.98 -18.01
N ILE A 64 -6.24 -16.02 -17.48
CA ILE A 64 -6.07 -15.62 -16.10
C ILE A 64 -6.72 -16.57 -15.10
N MET A 65 -8.01 -16.85 -15.29
CA MET A 65 -8.73 -17.72 -14.37
C MET A 65 -8.08 -19.05 -14.05
N PRO A 66 -7.46 -19.72 -15.04
CA PRO A 66 -6.82 -21.00 -14.72
C PRO A 66 -5.67 -20.85 -13.73
N GLY A 67 -5.17 -19.62 -13.59
CA GLY A 67 -4.09 -19.36 -12.65
C GLY A 67 -4.54 -18.62 -11.41
N VAL A 68 -5.83 -18.68 -11.12
CA VAL A 68 -6.37 -18.02 -9.95
C VAL A 68 -6.76 -19.03 -8.88
N THR A 69 -6.41 -18.76 -7.62
CA THR A 69 -6.81 -19.63 -6.51
C THR A 69 -8.03 -18.84 -6.02
N HIS A 70 -9.19 -19.49 -5.98
CA HIS A 70 -10.42 -18.81 -5.62
C HIS A 70 -10.69 -18.66 -4.15
N TRP A 71 -10.16 -17.56 -3.62
CA TRP A 71 -10.27 -17.19 -2.21
C TRP A 71 -11.70 -17.11 -1.73
N HIS A 72 -12.62 -16.83 -2.65
CA HIS A 72 -13.98 -16.65 -2.27
C HIS A 72 -14.91 -17.80 -2.51
N SER A 73 -14.33 -18.94 -2.86
CA SER A 73 -15.13 -20.11 -3.06
C SER A 73 -15.49 -20.63 -1.68
N PRO A 74 -16.69 -21.20 -1.51
CA PRO A 74 -17.12 -21.74 -0.22
C PRO A 74 -16.18 -22.85 0.20
N TYR A 75 -15.47 -23.43 -0.76
CA TYR A 75 -14.55 -24.53 -0.49
C TYR A 75 -13.11 -24.11 -0.23
N PHE A 76 -12.87 -22.82 -0.10
CA PHE A 76 -11.53 -22.34 0.19
C PHE A 76 -11.53 -22.26 1.71
N PHE A 77 -10.72 -23.09 2.38
CA PHE A 77 -10.63 -23.11 3.84
C PHE A 77 -9.16 -22.93 4.27
N ALA A 78 -8.44 -22.18 3.46
CA ALA A 78 -7.02 -21.94 3.69
C ALA A 78 -6.73 -20.61 4.39
N TYR A 79 -5.55 -20.54 5.01
CA TYR A 79 -5.08 -19.35 5.69
C TYR A 79 -6.13 -18.78 6.61
N PHE A 80 -6.57 -17.58 6.28
CA PHE A 80 -7.63 -16.87 7.02
C PHE A 80 -8.44 -16.21 5.90
N PRO A 81 -9.70 -15.91 6.15
CA PRO A 81 -10.47 -15.27 5.08
C PRO A 81 -9.92 -13.92 4.66
N THR A 82 -10.14 -13.55 3.40
CA THR A 82 -9.78 -12.20 3.00
C THR A 82 -11.15 -11.66 2.67
N ALA A 83 -11.33 -10.36 2.81
CA ALA A 83 -12.63 -9.77 2.61
C ALA A 83 -13.09 -9.55 1.19
N SER A 84 -14.38 -9.79 0.97
CA SER A 84 -15.04 -9.56 -0.30
C SER A 84 -16.52 -9.27 -0.03
N SER A 85 -16.95 -8.05 -0.30
CA SER A 85 -18.35 -7.71 -0.11
C SER A 85 -18.67 -6.72 -1.22
N TYR A 86 -19.92 -6.70 -1.65
CA TYR A 86 -20.33 -5.81 -2.71
C TYR A 86 -20.31 -4.34 -2.27
N PRO A 87 -20.66 -4.07 -1.01
CA PRO A 87 -20.61 -2.64 -0.65
C PRO A 87 -19.15 -2.13 -0.79
N ALA A 88 -18.18 -2.95 -0.37
CA ALA A 88 -16.78 -2.55 -0.45
C ALA A 88 -16.37 -2.33 -1.91
N MET A 89 -16.89 -3.16 -2.80
CA MET A 89 -16.58 -3.04 -4.22
C MET A 89 -17.18 -1.77 -4.80
N LEU A 90 -18.37 -1.42 -4.33
CA LEU A 90 -19.04 -0.20 -4.81
C LEU A 90 -18.23 1.02 -4.37
N ALA A 91 -17.70 0.98 -3.14
CA ALA A 91 -16.91 2.07 -2.61
C ALA A 91 -15.59 2.19 -3.35
N ASP A 92 -15.00 1.06 -3.71
CA ASP A 92 -13.73 1.06 -4.41
C ASP A 92 -13.92 1.72 -5.76
N MET A 93 -15.06 1.46 -6.38
CA MET A 93 -15.35 2.06 -7.68
C MET A 93 -15.42 3.58 -7.51
N LEU A 94 -16.19 4.03 -6.53
CA LEU A 94 -16.31 5.44 -6.28
C LEU A 94 -14.93 6.00 -5.92
N CYS A 95 -14.17 5.26 -5.14
CA CYS A 95 -12.85 5.71 -4.70
C CYS A 95 -11.94 6.01 -5.89
N GLY A 96 -11.96 5.11 -6.88
CA GLY A 96 -11.15 5.32 -8.08
C GLY A 96 -11.64 6.46 -8.96
N ALA A 97 -12.94 6.70 -8.97
CA ALA A 97 -13.53 7.78 -9.78
C ALA A 97 -13.13 9.13 -9.22
N ILE A 98 -13.28 9.31 -7.91
CA ILE A 98 -12.89 10.56 -7.26
C ILE A 98 -11.39 10.69 -7.49
N GLY A 99 -10.71 9.56 -7.35
CA GLY A 99 -9.28 9.48 -7.60
C GLY A 99 -8.34 10.54 -7.03
N CYS A 100 -8.52 10.89 -5.77
CA CYS A 100 -7.64 11.89 -5.17
C CYS A 100 -6.50 11.15 -4.47
N ILE A 101 -5.39 11.84 -4.25
CA ILE A 101 -4.25 11.29 -3.51
C ILE A 101 -4.22 12.15 -2.23
N GLY A 102 -4.70 11.58 -1.13
CA GLY A 102 -4.78 12.29 0.13
C GLY A 102 -3.51 12.44 0.93
N PHE A 103 -2.44 12.93 0.29
CA PHE A 103 -1.19 13.09 1.00
C PHE A 103 -1.18 14.30 1.93
N SER A 104 -2.22 15.14 1.85
CA SER A 104 -2.37 16.30 2.72
C SER A 104 -3.85 16.58 2.78
N TRP A 105 -4.25 17.37 3.76
CA TRP A 105 -5.65 17.72 3.91
C TRP A 105 -6.13 18.42 2.64
N ALA A 106 -5.38 19.43 2.18
CA ALA A 106 -5.74 20.21 1.01
C ALA A 106 -5.92 19.36 -0.27
N ALA A 107 -5.30 18.18 -0.32
CA ALA A 107 -5.39 17.30 -1.49
C ALA A 107 -6.79 16.69 -1.63
N SER A 108 -7.58 16.82 -0.56
CA SER A 108 -8.97 16.37 -0.49
C SER A 108 -9.37 16.21 0.96
N PRO A 109 -9.89 17.29 1.56
CA PRO A 109 -10.32 17.27 2.95
C PRO A 109 -11.07 16.00 3.35
N ALA A 110 -12.09 15.65 2.58
CA ALA A 110 -12.91 14.50 2.91
C ALA A 110 -12.13 13.19 2.94
N CYS A 111 -11.09 13.08 2.11
CA CYS A 111 -10.31 11.83 2.06
C CYS A 111 -9.69 11.57 3.44
N THR A 112 -9.29 12.65 4.10
CA THR A 112 -8.72 12.53 5.41
C THR A 112 -9.79 12.52 6.50
N GLU A 113 -10.77 13.39 6.38
CA GLU A 113 -11.77 13.50 7.43
C GLU A 113 -12.70 12.33 7.61
N LEU A 114 -13.12 11.72 6.51
CA LEU A 114 -14.02 10.58 6.61
C LEU A 114 -13.30 9.44 7.31
N GLU A 115 -12.00 9.31 7.04
CA GLU A 115 -11.22 8.22 7.64
C GLU A 115 -11.18 8.27 9.15
N THR A 116 -10.95 9.46 9.69
CA THR A 116 -10.90 9.62 11.13
C THR A 116 -12.23 9.26 11.77
N VAL A 117 -13.33 9.62 11.12
CA VAL A 117 -14.64 9.33 11.69
C VAL A 117 -14.92 7.83 11.59
N MET A 118 -14.56 7.22 10.46
CA MET A 118 -14.77 5.79 10.29
C MET A 118 -13.98 5.02 11.33
N MET A 119 -12.79 5.53 11.66
CA MET A 119 -11.96 4.87 12.64
C MET A 119 -12.58 5.00 14.02
N ASP A 120 -13.31 6.10 14.27
CA ASP A 120 -13.97 6.26 15.56
C ASP A 120 -15.20 5.36 15.59
N TRP A 121 -15.93 5.31 14.47
CA TRP A 121 -17.10 4.44 14.37
C TRP A 121 -16.69 3.02 14.72
N LEU A 122 -15.61 2.55 14.08
CA LEU A 122 -15.11 1.20 14.28
C LEU A 122 -14.55 1.03 15.68
N GLY A 123 -13.91 2.06 16.20
CA GLY A 123 -13.38 1.99 17.54
C GLY A 123 -14.53 1.78 18.53
N LYS A 124 -15.65 2.46 18.30
CA LYS A 124 -16.82 2.30 19.18
C LYS A 124 -17.45 0.92 19.05
N MET A 125 -17.53 0.39 17.82
CA MET A 125 -18.09 -0.95 17.61
C MET A 125 -17.29 -1.98 18.41
N LEU A 126 -15.99 -1.74 18.53
CA LEU A 126 -15.10 -2.64 19.24
C LEU A 126 -15.04 -2.32 20.73
N GLN A 127 -15.73 -1.27 21.13
CA GLN A 127 -15.69 -0.83 22.52
C GLN A 127 -14.23 -0.62 22.96
N LEU A 128 -13.45 0.06 22.14
CA LEU A 128 -12.08 0.33 22.52
C LEU A 128 -12.10 1.42 23.57
N PRO A 129 -11.07 1.45 24.43
CA PRO A 129 -11.02 2.49 25.46
C PRO A 129 -11.04 3.81 24.71
N GLU A 130 -11.61 4.84 25.32
CA GLU A 130 -11.71 6.14 24.69
C GLU A 130 -10.35 6.74 24.34
N ALA A 131 -9.31 6.30 25.05
CA ALA A 131 -7.97 6.81 24.78
C ALA A 131 -7.59 6.60 23.30
N PHE A 132 -8.19 5.61 22.64
CA PHE A 132 -7.85 5.35 21.23
C PHE A 132 -8.68 6.13 20.22
N LEU A 133 -9.73 6.79 20.70
CA LEU A 133 -10.64 7.54 19.83
C LEU A 133 -10.19 8.99 19.59
N ALA A 134 -10.37 9.46 18.36
CA ALA A 134 -9.98 10.84 18.05
C ALA A 134 -11.00 11.81 18.61
N GLY A 135 -12.27 11.60 18.27
CA GLY A 135 -13.33 12.49 18.74
C GLY A 135 -12.97 13.94 18.47
N GLU A 136 -13.36 14.84 19.35
CA GLU A 136 -13.04 16.24 19.12
C GLU A 136 -11.84 16.75 19.90
N ALA A 137 -11.44 16.01 20.93
CA ALA A 137 -10.31 16.45 21.74
C ALA A 137 -9.36 15.32 22.14
N GLY A 138 -9.46 14.18 21.49
CA GLY A 138 -8.60 13.06 21.86
C GLY A 138 -7.18 13.15 21.34
N GLU A 139 -6.23 12.63 22.12
CA GLU A 139 -4.82 12.63 21.70
C GLU A 139 -4.53 11.45 20.79
N GLY A 140 -5.38 10.42 20.89
CA GLY A 140 -5.22 9.24 20.08
C GLY A 140 -5.94 9.33 18.75
N GLY A 141 -6.31 8.19 18.20
CA GLY A 141 -7.00 8.20 16.93
C GLY A 141 -6.56 7.05 16.08
N GLY A 142 -7.26 6.85 14.97
CA GLY A 142 -6.93 5.74 14.12
C GLY A 142 -6.63 6.16 12.71
N VAL A 143 -6.02 5.24 11.99
CA VAL A 143 -5.62 5.46 10.62
C VAL A 143 -5.74 4.13 9.91
N ILE A 144 -6.00 4.18 8.61
CA ILE A 144 -6.08 2.97 7.82
C ILE A 144 -4.66 2.73 7.33
N GLN A 145 -4.14 1.55 7.59
CA GLN A 145 -2.81 1.19 7.12
C GLN A 145 -3.06 0.27 5.92
N GLY A 146 -2.07 0.10 5.07
CA GLY A 146 -2.27 -0.76 3.92
C GLY A 146 -2.42 -2.22 4.32
N SER A 147 -1.84 -2.60 5.46
CA SER A 147 -1.91 -3.99 5.91
C SER A 147 -1.39 -4.08 7.34
N ALA A 148 -1.67 -5.20 8.00
CA ALA A 148 -1.20 -5.39 9.36
C ALA A 148 0.34 -5.48 9.39
N SER A 149 0.95 -6.06 8.36
CA SER A 149 2.42 -6.14 8.31
C SER A 149 3.00 -4.73 8.36
N GLU A 150 2.36 -3.80 7.66
CA GLU A 150 2.84 -2.41 7.65
C GLU A 150 2.55 -1.71 8.98
N ALA A 151 1.39 -2.01 9.55
CA ALA A 151 1.00 -1.40 10.82
C ALA A 151 2.03 -1.79 11.87
N THR A 152 2.47 -3.03 11.82
CA THR A 152 3.44 -3.49 12.82
C THR A 152 4.79 -2.79 12.67
N LEU A 153 5.20 -2.56 11.43
CA LEU A 153 6.45 -1.89 11.18
C LEU A 153 6.30 -0.44 11.63
N VAL A 154 5.13 0.15 11.40
CA VAL A 154 4.92 1.53 11.81
C VAL A 154 5.03 1.64 13.32
N ALA A 155 4.39 0.73 14.03
CA ALA A 155 4.44 0.76 15.49
C ALA A 155 5.87 0.52 15.95
N LEU A 156 6.59 -0.39 15.29
CA LEU A 156 7.96 -0.66 15.70
C LEU A 156 8.84 0.57 15.53
N LEU A 157 8.66 1.28 14.42
CA LEU A 157 9.44 2.48 14.16
C LEU A 157 9.11 3.59 15.15
N ALA A 158 7.85 3.73 15.52
CA ALA A 158 7.46 4.75 16.48
C ALA A 158 8.08 4.36 17.82
N ALA A 159 8.00 3.08 18.17
CA ALA A 159 8.58 2.62 19.42
C ALA A 159 10.09 2.80 19.40
N ARG A 160 10.72 2.56 18.26
CA ARG A 160 12.17 2.70 18.15
C ARG A 160 12.60 4.14 18.36
N THR A 161 11.85 5.07 17.77
CA THR A 161 12.18 6.48 17.91
C THR A 161 11.97 6.94 19.34
N LYS A 162 10.90 6.47 19.96
CA LYS A 162 10.59 6.84 21.32
C LYS A 162 11.66 6.42 22.33
N VAL A 163 12.09 5.16 22.28
CA VAL A 163 13.10 4.69 23.24
C VAL A 163 14.47 5.32 22.90
N VAL A 164 14.73 5.62 21.64
CA VAL A 164 15.99 6.24 21.28
C VAL A 164 16.06 7.63 21.92
N ARG A 165 14.94 8.36 21.85
CA ARG A 165 14.90 9.69 22.43
C ARG A 165 14.99 9.67 23.94
N ARG A 166 14.39 8.67 24.55
CA ARG A 166 14.44 8.54 26.00
C ARG A 166 15.88 8.31 26.43
N LEU A 167 16.60 7.45 25.70
CA LEU A 167 17.99 7.12 25.99
C LEU A 167 18.87 8.35 25.76
N GLN A 168 18.58 9.10 24.70
CA GLN A 168 19.36 10.26 24.35
C GLN A 168 19.11 11.47 25.22
N ALA A 169 17.93 11.54 25.83
CA ALA A 169 17.63 12.67 26.69
C ALA A 169 18.53 12.61 27.93
N ALA A 170 18.80 11.38 28.38
CA ALA A 170 19.58 11.16 29.59
C ALA A 170 21.09 11.09 29.35
N SER A 171 21.47 10.75 28.13
CA SER A 171 22.87 10.59 27.77
C SER A 171 23.00 11.09 26.33
N PRO A 172 23.00 12.42 26.15
CA PRO A 172 23.08 13.15 24.87
C PRO A 172 24.07 12.72 23.76
N GLY A 173 25.27 12.28 24.11
CA GLY A 173 26.21 11.87 23.07
C GLY A 173 25.97 10.52 22.40
N LEU A 174 24.84 9.89 22.74
CA LEU A 174 24.46 8.57 22.23
C LEU A 174 23.93 8.62 20.79
N THR A 175 24.46 7.80 19.88
CA THR A 175 24.01 7.79 18.48
C THR A 175 22.87 6.79 18.25
N GLN A 176 22.14 6.98 17.16
CA GLN A 176 21.05 6.08 16.81
C GLN A 176 21.64 4.68 16.66
N GLY A 177 22.78 4.58 15.98
CA GLY A 177 23.39 3.29 15.78
C GLY A 177 23.76 2.60 17.08
N ALA A 178 24.25 3.37 18.04
CA ALA A 178 24.66 2.79 19.31
C ALA A 178 23.46 2.29 20.07
N VAL A 179 22.34 2.97 19.91
CA VAL A 179 21.13 2.55 20.57
C VAL A 179 20.55 1.30 19.93
N LEU A 180 20.57 1.22 18.59
CA LEU A 180 20.04 0.07 17.88
C LEU A 180 20.67 -1.23 18.34
N GLU A 181 21.96 -1.21 18.62
CA GLU A 181 22.67 -2.42 19.04
C GLU A 181 22.11 -3.00 20.32
N LYS A 182 21.54 -2.16 21.19
CA LYS A 182 21.02 -2.64 22.46
C LYS A 182 19.54 -2.96 22.49
N LEU A 183 18.80 -2.52 21.48
CA LEU A 183 17.36 -2.72 21.44
C LEU A 183 16.92 -4.14 21.17
N VAL A 184 15.92 -4.60 21.91
CA VAL A 184 15.38 -5.92 21.71
C VAL A 184 13.86 -5.83 21.70
N ALA A 185 13.23 -6.51 20.74
CA ALA A 185 11.78 -6.51 20.63
C ALA A 185 11.32 -7.94 20.92
N TYR A 186 10.07 -8.12 21.33
CA TYR A 186 9.61 -9.47 21.60
C TYR A 186 8.25 -9.72 20.98
N ALA A 187 8.00 -10.99 20.71
CA ALA A 187 6.72 -11.42 20.18
C ALA A 187 6.63 -12.90 20.55
N SER A 188 5.43 -13.45 20.52
CA SER A 188 5.22 -14.85 20.87
C SER A 188 5.89 -15.75 19.83
N ASP A 189 6.19 -17.00 20.19
CA ASP A 189 6.78 -17.89 19.21
C ASP A 189 5.71 -18.23 18.15
N GLN A 190 4.47 -17.83 18.40
CA GLN A 190 3.37 -18.04 17.48
C GLN A 190 3.08 -16.76 16.66
N ALA A 191 3.88 -15.72 16.84
CA ALA A 191 3.66 -14.46 16.12
C ALA A 191 3.82 -14.61 14.61
N HIS A 192 3.07 -13.80 13.86
CA HIS A 192 3.13 -13.84 12.41
C HIS A 192 4.51 -13.37 11.92
N SER A 193 4.94 -13.86 10.77
CA SER A 193 6.25 -13.51 10.21
C SER A 193 6.43 -12.00 9.93
N SER A 194 5.31 -11.29 9.84
CA SER A 194 5.40 -9.85 9.62
C SER A 194 6.14 -9.16 10.78
N VAL A 195 6.16 -9.80 11.96
CA VAL A 195 6.86 -9.23 13.11
C VAL A 195 8.36 -9.35 12.90
N GLU A 196 8.82 -10.49 12.39
CA GLU A 196 10.24 -10.70 12.11
C GLU A 196 10.69 -9.74 11.01
N ARG A 197 9.85 -9.58 9.99
CA ARG A 197 10.20 -8.66 8.94
C ARG A 197 10.33 -7.24 9.51
N ALA A 198 9.45 -6.89 10.44
CA ALA A 198 9.49 -5.55 11.04
C ALA A 198 10.79 -5.38 11.80
N GLY A 199 11.19 -6.42 12.53
CA GLY A 199 12.42 -6.34 13.28
C GLY A 199 13.62 -6.19 12.35
N LEU A 200 13.60 -6.97 11.28
CA LEU A 200 14.66 -6.92 10.30
C LEU A 200 14.77 -5.52 9.67
N ILE A 201 13.65 -5.00 9.20
CA ILE A 201 13.64 -3.68 8.57
C ILE A 201 14.00 -2.60 9.59
N GLY A 202 13.52 -2.75 10.81
CA GLY A 202 13.81 -1.78 11.86
C GLY A 202 15.23 -1.86 12.39
N GLY A 203 15.98 -2.89 12.00
CA GLY A 203 17.36 -3.03 12.44
C GLY A 203 17.51 -3.39 13.90
N VAL A 204 16.54 -4.11 14.46
CA VAL A 204 16.62 -4.48 15.87
C VAL A 204 16.52 -5.99 16.05
N LYS A 205 16.94 -6.46 17.20
CA LYS A 205 16.88 -7.89 17.48
C LYS A 205 15.47 -8.21 17.91
N LEU A 206 14.95 -9.33 17.43
CA LEU A 206 13.62 -9.75 17.81
C LEU A 206 13.78 -11.10 18.47
N LYS A 207 13.18 -11.27 19.64
CA LYS A 207 13.26 -12.53 20.34
C LYS A 207 11.88 -13.10 20.56
N ALA A 208 11.74 -14.40 20.35
CA ALA A 208 10.46 -15.05 20.52
C ALA A 208 10.26 -15.43 21.97
N ILE A 209 9.04 -15.27 22.48
CA ILE A 209 8.74 -15.64 23.86
C ILE A 209 8.01 -16.98 23.78
N PRO A 210 8.49 -17.99 24.52
CA PRO A 210 7.83 -19.31 24.49
C PRO A 210 6.36 -19.18 24.90
N SER A 211 5.45 -19.77 24.13
CA SER A 211 4.03 -19.67 24.52
C SER A 211 3.69 -20.81 25.46
N ASP A 212 2.59 -20.67 26.19
CA ASP A 212 2.22 -21.70 27.15
C ASP A 212 1.49 -22.85 26.48
N GLY A 213 0.78 -23.64 27.30
CA GLY A 213 0.05 -24.80 26.79
C GLY A 213 -1.04 -24.46 25.80
N LYS A 214 -1.62 -23.27 25.93
CA LYS A 214 -2.67 -22.84 25.01
C LYS A 214 -2.12 -21.89 23.93
N PHE A 215 -0.81 -21.98 23.70
CA PHE A 215 -0.11 -21.18 22.72
C PHE A 215 -0.29 -19.67 22.90
N ALA A 216 -0.29 -19.25 24.16
CA ALA A 216 -0.47 -17.87 24.52
C ALA A 216 0.79 -17.34 25.20
N MET A 217 1.09 -16.07 24.98
CA MET A 217 2.23 -15.44 25.63
C MET A 217 1.75 -15.13 27.05
N ARG A 218 2.57 -15.45 28.05
CA ARG A 218 2.18 -15.20 29.43
C ARG A 218 3.17 -14.30 30.13
N ALA A 219 2.72 -13.67 31.21
CA ALA A 219 3.59 -12.78 31.99
C ALA A 219 4.88 -13.48 32.40
N SER A 220 4.77 -14.65 33.00
CA SER A 220 5.96 -15.36 33.47
C SER A 220 7.03 -15.52 32.41
N ALA A 221 6.63 -15.96 31.22
CA ALA A 221 7.59 -16.16 30.14
C ALA A 221 8.16 -14.83 29.64
N LEU A 222 7.35 -13.78 29.60
CA LEU A 222 7.84 -12.48 29.14
C LEU A 222 8.84 -11.93 30.15
N GLN A 223 8.45 -11.94 31.43
CA GLN A 223 9.31 -11.45 32.51
C GLN A 223 10.65 -12.15 32.54
N GLU A 224 10.63 -13.46 32.38
CA GLU A 224 11.86 -14.22 32.38
C GLU A 224 12.80 -13.69 31.28
N ALA A 225 12.24 -13.47 30.09
CA ALA A 225 13.02 -12.97 28.97
C ALA A 225 13.53 -11.57 29.26
N LEU A 226 12.68 -10.71 29.78
CA LEU A 226 13.07 -9.34 30.11
C LEU A 226 14.26 -9.31 31.07
N GLU A 227 14.15 -10.06 32.15
CA GLU A 227 15.23 -10.08 33.16
C GLU A 227 16.54 -10.55 32.57
N ARG A 228 16.48 -11.63 31.81
CA ARG A 228 17.69 -12.15 31.19
C ARG A 228 18.32 -11.14 30.23
N ASP A 229 17.50 -10.49 29.40
CA ASP A 229 18.04 -9.54 28.46
C ASP A 229 18.49 -8.23 29.08
N LYS A 230 17.79 -7.74 30.09
CA LYS A 230 18.23 -6.50 30.72
C LYS A 230 19.57 -6.77 31.40
N ALA A 231 19.69 -7.94 32.05
CA ALA A 231 20.92 -8.33 32.72
C ALA A 231 22.08 -8.37 31.74
N ALA A 232 21.78 -8.72 30.50
CA ALA A 232 22.82 -8.79 29.49
C ALA A 232 23.08 -7.42 28.91
N GLY A 233 22.39 -6.40 29.41
CA GLY A 233 22.61 -5.06 28.92
C GLY A 233 21.78 -4.65 27.70
N LEU A 234 20.77 -5.43 27.38
CA LEU A 234 19.89 -5.13 26.26
C LEU A 234 18.75 -4.28 26.78
N ILE A 235 18.09 -3.55 25.90
CA ILE A 235 16.97 -2.71 26.33
C ILE A 235 15.65 -3.10 25.65
N PRO A 236 14.74 -3.73 26.39
CA PRO A 236 13.47 -4.11 25.77
C PRO A 236 12.75 -2.82 25.36
N PHE A 237 12.24 -2.72 24.13
CA PHE A 237 11.55 -1.50 23.75
C PHE A 237 10.22 -1.73 23.05
N PHE A 238 9.94 -2.97 22.65
CA PHE A 238 8.73 -3.23 21.89
C PHE A 238 8.25 -4.67 22.04
N VAL A 239 6.97 -4.82 22.30
CA VAL A 239 6.36 -6.12 22.41
C VAL A 239 5.14 -6.20 21.52
N VAL A 240 5.02 -7.28 20.77
CA VAL A 240 3.84 -7.47 19.95
C VAL A 240 3.05 -8.60 20.58
N ALA A 241 1.85 -8.29 21.03
CA ALA A 241 0.97 -9.29 21.61
C ALA A 241 0.05 -9.65 20.44
N THR A 242 -0.13 -10.93 20.21
CA THR A 242 -0.98 -11.39 19.13
C THR A 242 -2.30 -11.95 19.64
N LEU A 243 -3.40 -11.44 19.10
CA LEU A 243 -4.71 -11.93 19.45
C LEU A 243 -5.23 -12.62 18.19
N GLY A 244 -5.21 -13.95 18.18
CA GLY A 244 -5.67 -14.68 17.01
C GLY A 244 -4.49 -15.08 16.13
N THR A 245 -3.60 -15.90 16.68
CA THR A 245 -2.42 -16.37 15.96
C THR A 245 -2.82 -17.17 14.73
N THR A 246 -1.97 -17.12 13.72
CA THR A 246 -2.20 -17.80 12.46
C THR A 246 -2.27 -19.31 12.56
N SER A 247 -1.38 -19.89 13.35
CA SER A 247 -1.34 -21.33 13.48
C SER A 247 -2.63 -21.94 14.03
N CYS A 248 -3.03 -21.51 15.22
CA CYS A 248 -4.21 -22.09 15.86
C CYS A 248 -5.16 -21.08 16.45
N CYS A 249 -5.04 -19.83 16.02
CA CYS A 249 -5.90 -18.76 16.52
C CYS A 249 -5.96 -18.73 18.05
N SER A 250 -4.79 -18.68 18.67
CA SER A 250 -4.71 -18.59 20.14
C SER A 250 -4.61 -17.09 20.47
N PHE A 251 -4.69 -16.75 21.76
CA PHE A 251 -4.65 -15.36 22.17
C PHE A 251 -3.65 -15.07 23.27
N ASP A 252 -2.76 -14.11 23.03
CA ASP A 252 -1.80 -13.75 24.04
C ASP A 252 -2.58 -13.09 25.17
N ASN A 253 -2.06 -13.20 26.39
CA ASN A 253 -2.75 -12.66 27.56
C ASN A 253 -2.40 -11.20 27.80
N LEU A 254 -3.24 -10.31 27.27
CA LEU A 254 -3.04 -8.87 27.41
C LEU A 254 -3.11 -8.37 28.85
N LEU A 255 -3.97 -8.96 29.66
CA LEU A 255 -4.09 -8.54 31.05
C LEU A 255 -2.81 -8.83 31.83
N GLU A 256 -2.06 -9.83 31.40
CA GLU A 256 -0.82 -10.14 32.08
C GLU A 256 0.34 -9.35 31.50
N VAL A 257 0.40 -9.32 30.17
CA VAL A 257 1.47 -8.64 29.46
C VAL A 257 1.40 -7.12 29.55
N GLY A 258 0.19 -6.57 29.57
CA GLY A 258 0.01 -5.14 29.62
C GLY A 258 0.72 -4.44 30.75
N PRO A 259 0.43 -4.82 32.01
CA PRO A 259 1.06 -4.21 33.19
C PRO A 259 2.57 -4.25 33.11
N ILE A 260 3.11 -5.38 32.65
CA ILE A 260 4.56 -5.51 32.53
C ILE A 260 5.12 -4.47 31.56
N CYS A 261 4.51 -4.34 30.40
CA CYS A 261 4.98 -3.38 29.41
C CYS A 261 4.86 -1.96 29.93
N HIS A 262 3.84 -1.73 30.74
CA HIS A 262 3.64 -0.41 31.30
C HIS A 262 4.77 -0.11 32.29
N GLU A 263 5.04 -1.04 33.19
CA GLU A 263 6.07 -0.86 34.20
C GLU A 263 7.48 -0.72 33.60
N GLU A 264 7.75 -1.47 32.55
CA GLU A 264 9.06 -1.42 31.91
C GLU A 264 9.10 -0.34 30.84
N ASP A 265 7.98 0.35 30.65
CA ASP A 265 7.90 1.38 29.63
C ASP A 265 8.31 0.80 28.26
N ILE A 266 7.68 -0.32 27.93
CA ILE A 266 7.92 -1.00 26.67
C ILE A 266 6.70 -0.71 25.79
N TRP A 267 6.94 -0.37 24.53
CA TRP A 267 5.81 -0.10 23.65
C TRP A 267 5.05 -1.41 23.40
N LEU A 268 3.76 -1.43 23.69
CA LEU A 268 2.99 -2.66 23.48
C LEU A 268 2.07 -2.51 22.26
N HIS A 269 2.38 -3.25 21.20
CA HIS A 269 1.55 -3.21 20.01
C HIS A 269 0.68 -4.46 20.01
N VAL A 270 -0.61 -4.30 19.70
CA VAL A 270 -1.47 -5.47 19.66
C VAL A 270 -1.84 -5.84 18.22
N ASP A 271 -1.41 -7.03 17.81
CA ASP A 271 -1.71 -7.53 16.48
C ASP A 271 -2.92 -8.46 16.58
N ALA A 272 -4.08 -8.01 16.10
CA ALA A 272 -5.28 -8.84 16.12
C ALA A 272 -5.79 -8.95 14.69
N ALA A 273 -4.88 -9.05 13.72
CA ALA A 273 -5.23 -9.07 12.31
C ALA A 273 -6.55 -9.76 11.98
N TYR A 274 -6.65 -11.03 12.31
CA TYR A 274 -7.87 -11.79 12.03
C TYR A 274 -8.94 -11.67 13.11
N ALA A 275 -8.59 -12.07 14.32
CA ALA A 275 -9.55 -12.08 15.43
C ALA A 275 -10.22 -10.76 15.75
N GLY A 276 -9.53 -9.66 15.48
CA GLY A 276 -10.06 -8.34 15.79
C GLY A 276 -11.48 -8.05 15.40
N SER A 277 -11.90 -8.57 14.25
CA SER A 277 -13.26 -8.35 13.79
C SER A 277 -14.32 -8.95 14.72
N ALA A 278 -13.99 -10.06 15.37
CA ALA A 278 -14.93 -10.73 16.27
C ALA A 278 -15.27 -9.86 17.47
N PHE A 279 -14.36 -8.96 17.82
CA PHE A 279 -14.56 -8.13 18.99
C PHE A 279 -15.73 -7.17 18.93
N ILE A 280 -16.42 -7.09 17.79
CA ILE A 280 -17.57 -6.21 17.73
C ILE A 280 -18.76 -6.98 18.31
N CYS A 281 -18.57 -8.27 18.56
CA CYS A 281 -19.62 -9.09 19.17
C CYS A 281 -19.29 -9.12 20.66
N PRO A 282 -20.23 -8.68 21.50
CA PRO A 282 -19.98 -8.69 22.95
C PRO A 282 -19.47 -10.00 23.52
N GLU A 283 -19.93 -11.13 22.98
CA GLU A 283 -19.46 -12.40 23.52
C GLU A 283 -17.98 -12.71 23.28
N PHE A 284 -17.31 -11.93 22.44
CA PHE A 284 -15.88 -12.20 22.19
C PHE A 284 -14.99 -11.06 22.68
N ARG A 285 -15.62 -9.94 23.02
CA ARG A 285 -14.90 -8.75 23.46
C ARG A 285 -13.97 -8.96 24.64
N HIS A 286 -14.27 -9.92 25.52
CA HIS A 286 -13.42 -10.15 26.68
C HIS A 286 -11.99 -10.53 26.26
N LEU A 287 -11.85 -11.13 25.08
CA LEU A 287 -10.53 -11.52 24.58
C LEU A 287 -9.63 -10.32 24.34
N LEU A 288 -10.23 -9.14 24.19
CA LEU A 288 -9.47 -7.93 23.95
C LEU A 288 -9.18 -7.18 25.24
N ASN A 289 -9.69 -7.67 26.37
CA ASN A 289 -9.46 -7.01 27.64
C ASN A 289 -7.97 -6.82 27.88
N GLY A 290 -7.60 -5.64 28.32
CA GLY A 290 -6.21 -5.35 28.56
C GLY A 290 -5.66 -4.49 27.43
N VAL A 291 -6.47 -4.22 26.41
CA VAL A 291 -5.98 -3.39 25.32
C VAL A 291 -5.73 -1.96 25.83
N GLU A 292 -6.27 -1.63 27.00
CA GLU A 292 -6.10 -0.29 27.62
C GLU A 292 -4.62 -0.07 27.90
N PHE A 293 -3.86 -1.17 27.98
CA PHE A 293 -2.43 -1.08 28.23
C PHE A 293 -1.64 -0.93 26.94
N ALA A 294 -2.27 -1.17 25.79
CA ALA A 294 -1.56 -1.09 24.52
C ALA A 294 -1.30 0.32 24.06
N ASP A 295 -0.17 0.51 23.40
CA ASP A 295 0.16 1.81 22.84
C ASP A 295 -0.43 1.91 21.44
N SER A 296 -0.59 0.76 20.78
CA SER A 296 -1.14 0.70 19.43
C SER A 296 -1.94 -0.61 19.29
N PHE A 297 -3.05 -0.54 18.58
CA PHE A 297 -3.89 -1.71 18.38
C PHE A 297 -4.18 -1.77 16.89
N ASN A 298 -4.14 -2.97 16.34
CA ASN A 298 -4.36 -3.15 14.91
C ASN A 298 -5.07 -4.46 14.61
N PHE A 299 -5.95 -4.42 13.61
CA PHE A 299 -6.63 -5.63 13.13
C PHE A 299 -7.00 -5.32 11.69
N ASN A 300 -7.30 -6.36 10.92
CA ASN A 300 -7.63 -6.17 9.52
C ASN A 300 -9.08 -6.29 9.13
N PRO A 301 -9.74 -5.16 8.83
CA PRO A 301 -11.12 -5.34 8.40
C PRO A 301 -11.04 -6.10 7.06
N HIS A 302 -9.87 -6.06 6.39
CA HIS A 302 -9.76 -6.75 5.11
C HIS A 302 -9.58 -8.25 5.23
N LYS A 303 -9.67 -8.76 6.45
CA LYS A 303 -9.65 -10.19 6.63
C LYS A 303 -11.08 -10.62 6.92
N TRP A 304 -11.55 -10.26 8.10
CA TRP A 304 -12.84 -10.72 8.57
C TRP A 304 -13.93 -9.69 8.86
N LEU A 305 -13.90 -8.54 8.20
CA LEU A 305 -14.96 -7.54 8.41
C LEU A 305 -15.49 -7.02 7.09
N LEU A 306 -15.31 -7.82 6.04
CA LEU A 306 -15.86 -7.49 4.74
C LEU A 306 -15.39 -6.22 4.05
N VAL A 307 -14.26 -5.68 4.48
CA VAL A 307 -13.77 -4.49 3.80
C VAL A 307 -12.62 -4.95 2.93
N ASN A 308 -12.91 -5.10 1.63
CA ASN A 308 -11.95 -5.57 0.64
C ASN A 308 -10.53 -5.09 0.87
N PHE A 309 -9.61 -6.01 0.67
CA PHE A 309 -8.21 -5.72 0.90
C PHE A 309 -7.76 -4.43 0.36
N ASP A 310 -6.97 -3.86 1.26
CA ASP A 310 -6.31 -2.60 1.25
C ASP A 310 -7.10 -1.91 2.36
N CYS A 311 -7.14 -2.51 3.55
CA CYS A 311 -7.78 -1.89 4.69
C CYS A 311 -7.46 -2.53 6.02
N SER A 312 -6.37 -2.04 6.63
CA SER A 312 -5.93 -2.49 7.94
C SER A 312 -6.23 -1.30 8.87
N ALA A 313 -6.76 -1.57 10.05
CA ALA A 313 -7.15 -0.52 10.98
C ALA A 313 -6.23 -0.42 12.18
N MET A 314 -5.65 0.76 12.37
CA MET A 314 -4.74 0.97 13.49
C MET A 314 -5.08 2.20 14.32
N TRP A 315 -5.01 2.02 15.63
CA TRP A 315 -5.27 3.09 16.59
C TRP A 315 -4.06 3.21 17.52
N VAL A 316 -3.83 4.42 18.01
CA VAL A 316 -2.76 4.67 18.97
C VAL A 316 -3.39 5.56 20.04
N LYS A 317 -2.79 5.60 21.22
CA LYS A 317 -3.29 6.44 22.30
C LYS A 317 -2.70 7.85 22.20
N ARG A 318 -1.54 7.95 21.57
CA ARG A 318 -0.85 9.22 21.44
C ARG A 318 -0.34 9.47 20.05
N ARG A 319 -1.05 10.27 19.27
CA ARG A 319 -0.62 10.55 17.90
C ARG A 319 0.82 11.07 17.90
N THR A 320 1.19 11.78 18.96
CA THR A 320 2.54 12.33 19.06
C THR A 320 3.62 11.25 19.04
N ASP A 321 3.35 10.11 19.68
CA ASP A 321 4.32 9.04 19.68
C ASP A 321 4.45 8.44 18.29
N LEU A 322 3.34 8.38 17.58
CA LEU A 322 3.34 7.80 16.24
C LEU A 322 3.97 8.80 15.28
N THR A 323 3.44 10.01 15.32
CA THR A 323 3.87 11.10 14.48
C THR A 323 5.36 11.44 14.59
N GLY A 324 5.92 11.31 15.79
CA GLY A 324 7.33 11.62 16.00
C GLY A 324 8.27 10.79 15.16
N ALA A 325 7.83 9.58 14.81
CA ALA A 325 8.65 8.68 14.02
C ALA A 325 8.80 9.06 12.55
N PHE A 326 7.92 9.92 12.05
CA PHE A 326 7.99 10.29 10.64
C PHE A 326 8.24 11.74 10.34
N LYS A 327 8.74 12.50 11.32
CA LYS A 327 9.03 13.91 11.10
C LYS A 327 10.52 14.21 11.22
N SER A 340 -4.33 17.45 19.03
CA SER A 340 -5.48 16.58 19.45
C SER A 340 -6.78 16.78 18.63
N GLY A 341 -7.69 15.82 18.76
CA GLY A 341 -8.96 15.84 18.06
C GLY A 341 -8.82 15.58 16.57
N LEU A 342 -9.14 16.59 15.78
CA LEU A 342 -9.07 16.53 14.33
C LEU A 342 -7.68 16.13 13.83
N ILE A 343 -7.65 15.22 12.87
CA ILE A 343 -6.40 14.79 12.27
C ILE A 343 -6.37 15.37 10.85
N THR A 344 -5.28 16.05 10.50
CA THR A 344 -5.17 16.63 9.18
C THR A 344 -3.98 16.08 8.38
N ASP A 345 -3.07 15.39 9.06
CA ASP A 345 -1.85 14.90 8.42
C ASP A 345 -1.58 13.41 8.50
N TYR A 346 -2.39 12.58 7.87
CA TYR A 346 -2.11 11.16 7.94
C TYR A 346 -0.76 10.70 7.38
N ARG A 347 -0.08 11.58 6.66
CA ARG A 347 1.21 11.19 6.09
C ARG A 347 2.25 10.92 7.18
N HIS A 348 1.96 11.32 8.40
CA HIS A 348 2.87 11.09 9.51
C HIS A 348 2.42 9.90 10.35
N TRP A 349 1.42 9.18 9.87
CA TRP A 349 0.89 8.03 10.56
C TRP A 349 1.16 6.73 9.79
N GLN A 350 1.83 6.83 8.65
CA GLN A 350 2.07 5.66 7.80
C GLN A 350 3.38 5.81 7.04
N LEU A 351 3.82 4.72 6.42
CA LEU A 351 5.08 4.76 5.65
C LEU A 351 4.94 5.51 4.33
N PRO A 352 3.94 5.19 3.51
CA PRO A 352 3.85 5.95 2.25
C PRO A 352 3.36 7.36 2.45
N LEU A 353 3.57 8.21 1.46
CA LEU A 353 3.12 9.60 1.52
C LEU A 353 1.70 9.68 0.93
N GLY A 354 1.50 9.04 -0.22
CA GLY A 354 0.20 9.04 -0.85
C GLY A 354 -0.75 8.01 -0.23
N ARG A 355 -2.01 8.12 -0.59
CA ARG A 355 -3.02 7.19 -0.10
C ARG A 355 -4.29 7.52 -0.86
N ARG A 356 -5.12 6.50 -1.07
CA ARG A 356 -6.36 6.75 -1.76
C ARG A 356 -7.49 6.80 -0.73
N PHE A 357 -8.68 7.12 -1.19
CA PHE A 357 -9.85 7.29 -0.36
C PHE A 357 -10.42 5.96 0.14
N ARG A 358 -9.60 5.18 0.84
CA ARG A 358 -10.04 3.88 1.32
C ARG A 358 -11.12 3.89 2.39
N SER A 359 -11.28 5.00 3.13
CA SER A 359 -12.30 5.03 4.19
C SER A 359 -13.71 4.88 3.61
N LEU A 360 -13.84 5.11 2.30
CA LEU A 360 -15.12 4.98 1.62
C LEU A 360 -15.61 3.53 1.75
N LYS A 361 -14.69 2.58 1.65
CA LYS A 361 -15.04 1.17 1.75
C LYS A 361 -15.63 0.86 3.12
N MET A 362 -15.05 1.43 4.16
CA MET A 362 -15.56 1.21 5.50
C MET A 362 -16.94 1.81 5.64
N TRP A 363 -17.10 3.04 5.17
CA TRP A 363 -18.37 3.72 5.26
C TRP A 363 -19.48 2.92 4.59
N PHE A 364 -19.23 2.48 3.35
CA PHE A 364 -20.23 1.70 2.63
C PHE A 364 -20.55 0.38 3.30
N VAL A 365 -19.51 -0.32 3.75
CA VAL A 365 -19.74 -1.60 4.40
C VAL A 365 -20.50 -1.43 5.70
N PHE A 366 -20.05 -0.51 6.55
CA PHE A 366 -20.71 -0.29 7.84
C PHE A 366 -22.16 0.13 7.67
N ARG A 367 -22.43 0.99 6.70
CA ARG A 367 -23.79 1.46 6.48
C ARG A 367 -24.66 0.46 5.76
N MET A 368 -24.09 -0.31 4.83
CA MET A 368 -24.91 -1.28 4.11
C MET A 368 -25.19 -2.57 4.89
N TYR A 369 -24.29 -2.96 5.77
CA TYR A 369 -24.54 -4.14 6.57
C TYR A 369 -25.12 -3.71 7.90
N GLY A 370 -24.64 -2.59 8.42
CA GLY A 370 -25.10 -2.13 9.73
C GLY A 370 -24.35 -2.98 10.73
N VAL A 371 -24.21 -2.51 11.97
CA VAL A 371 -23.50 -3.31 12.94
C VAL A 371 -24.10 -4.71 13.08
N LYS A 372 -25.42 -4.79 13.09
CA LYS A 372 -26.09 -6.08 13.26
C LYS A 372 -25.78 -7.05 12.14
N GLY A 373 -25.68 -6.54 10.92
CA GLY A 373 -25.35 -7.42 9.80
C GLY A 373 -23.94 -7.96 9.95
N LEU A 374 -23.02 -7.11 10.38
CA LEU A 374 -21.63 -7.51 10.57
C LEU A 374 -21.53 -8.52 11.69
N GLN A 375 -22.30 -8.33 12.76
CA GLN A 375 -22.26 -9.28 13.86
C GLN A 375 -22.83 -10.63 13.43
N ALA A 376 -23.90 -10.61 12.63
CA ALA A 376 -24.52 -11.84 12.17
C ALA A 376 -23.51 -12.62 11.33
N TYR A 377 -22.78 -11.89 10.50
CA TYR A 377 -21.76 -12.48 9.63
C TYR A 377 -20.69 -13.20 10.46
N ILE A 378 -20.18 -12.54 11.50
CA ILE A 378 -19.16 -13.13 12.36
C ILE A 378 -19.71 -14.37 13.06
N ARG A 379 -20.90 -14.23 13.63
CA ARG A 379 -21.52 -15.32 14.36
C ARG A 379 -21.82 -16.53 13.52
N LYS A 380 -22.16 -16.32 12.26
CA LYS A 380 -22.44 -17.45 11.40
C LYS A 380 -21.16 -18.23 11.14
N HIS A 381 -20.06 -17.52 10.91
CA HIS A 381 -18.79 -18.19 10.66
C HIS A 381 -18.32 -18.96 11.88
N VAL A 382 -18.52 -18.39 13.06
CA VAL A 382 -18.11 -19.08 14.29
C VAL A 382 -18.98 -20.31 14.46
N GLN A 383 -20.26 -20.18 14.16
CA GLN A 383 -21.14 -21.33 14.27
C GLN A 383 -20.65 -22.44 13.32
N LEU A 384 -20.32 -22.08 12.08
CA LEU A 384 -19.85 -23.05 11.08
C LEU A 384 -18.58 -23.73 11.55
N SER A 385 -17.72 -22.94 12.20
CA SER A 385 -16.47 -23.45 12.71
C SER A 385 -16.75 -24.53 13.74
N HIS A 386 -17.71 -24.26 14.62
CA HIS A 386 -18.05 -25.25 15.64
C HIS A 386 -18.77 -26.45 15.06
N GLU A 387 -19.49 -26.26 13.95
CA GLU A 387 -20.14 -27.38 13.31
C GLU A 387 -19.04 -28.32 12.82
N PHE A 388 -17.98 -27.76 12.24
CA PHE A 388 -16.90 -28.60 11.78
C PHE A 388 -16.23 -29.25 12.96
N GLU A 389 -16.06 -28.49 14.05
CA GLU A 389 -15.40 -29.05 15.24
C GLU A 389 -16.21 -30.24 15.77
N ALA A 390 -17.54 -30.12 15.76
CA ALA A 390 -18.40 -31.19 16.27
C ALA A 390 -18.19 -32.46 15.44
N PHE A 391 -18.10 -32.31 14.11
CA PHE A 391 -17.87 -33.46 13.24
C PHE A 391 -16.60 -34.16 13.67
N VAL A 392 -15.53 -33.39 13.82
CA VAL A 392 -14.24 -33.96 14.21
C VAL A 392 -14.29 -34.65 15.56
N LEU A 393 -15.01 -34.08 16.51
CA LEU A 393 -15.13 -34.65 17.86
C LEU A 393 -15.90 -35.97 17.87
N GLN A 394 -16.75 -36.19 16.88
CA GLN A 394 -17.56 -37.41 16.76
C GLN A 394 -16.78 -38.58 16.20
N ASP A 395 -15.68 -38.29 15.51
CA ASP A 395 -14.87 -39.34 14.89
C ASP A 395 -13.64 -39.63 15.72
N PRO A 396 -13.63 -40.78 16.40
CA PRO A 396 -12.52 -41.22 17.25
C PRO A 396 -11.19 -41.37 16.54
N ARG A 397 -11.20 -41.29 15.22
CA ARG A 397 -9.95 -41.40 14.45
C ARG A 397 -9.21 -40.05 14.41
N PHE A 398 -9.95 -38.96 14.60
CA PHE A 398 -9.36 -37.63 14.59
C PHE A 398 -9.30 -37.01 15.97
N GLU A 399 -8.63 -35.87 16.05
CA GLU A 399 -8.54 -35.13 17.29
C GLU A 399 -8.46 -33.63 16.97
N VAL A 400 -9.05 -32.81 17.83
CA VAL A 400 -8.98 -31.36 17.63
C VAL A 400 -7.74 -30.99 18.43
N CYS A 401 -6.87 -30.18 17.82
CA CYS A 401 -5.61 -29.82 18.44
C CYS A 401 -5.51 -28.55 19.26
N ALA A 402 -6.58 -27.77 19.31
CA ALA A 402 -6.51 -26.53 20.06
C ALA A 402 -7.90 -26.01 20.26
N GLU A 403 -8.08 -25.22 21.29
CA GLU A 403 -9.39 -24.67 21.56
C GLU A 403 -9.90 -23.94 20.32
N VAL A 404 -11.17 -24.16 20.00
CA VAL A 404 -11.80 -23.52 18.87
C VAL A 404 -12.61 -22.35 19.40
N THR A 405 -12.19 -21.13 19.07
CA THR A 405 -12.90 -19.96 19.54
C THR A 405 -13.54 -19.18 18.40
N LEU A 406 -12.85 -19.09 17.28
CA LEU A 406 -13.37 -18.35 16.15
C LEU A 406 -13.50 -19.23 14.92
N GLY A 407 -13.23 -18.71 13.72
CA GLY A 407 -13.43 -19.52 12.53
C GLY A 407 -12.34 -20.47 12.08
N LEU A 408 -11.54 -20.95 13.02
CA LEU A 408 -10.47 -21.86 12.68
C LEU A 408 -10.50 -23.11 13.55
N VAL A 409 -10.34 -24.27 12.92
CA VAL A 409 -10.29 -25.53 13.64
C VAL A 409 -9.01 -26.22 13.22
N CYS A 410 -8.19 -26.57 14.21
CA CYS A 410 -6.95 -27.28 13.96
C CYS A 410 -7.24 -28.73 14.30
N PHE A 411 -6.96 -29.63 13.37
CA PHE A 411 -7.27 -31.02 13.63
C PHE A 411 -6.26 -31.91 12.97
N ARG A 412 -6.31 -33.19 13.33
CA ARG A 412 -5.42 -34.15 12.74
C ARG A 412 -5.93 -35.55 12.96
N LEU A 413 -5.44 -36.44 12.12
CA LEU A 413 -5.78 -37.85 12.17
C LEU A 413 -4.87 -38.36 13.28
N LYS A 414 -5.42 -39.06 14.26
CA LYS A 414 -4.60 -39.58 15.35
C LYS A 414 -3.56 -40.48 14.69
N GLY A 415 -2.30 -40.25 15.00
CA GLY A 415 -1.26 -41.05 14.38
C GLY A 415 -0.04 -40.20 14.11
N SER A 416 0.80 -40.65 13.19
CA SER A 416 2.03 -39.93 12.87
C SER A 416 1.82 -38.71 11.99
N ASP A 417 2.85 -37.86 11.93
CA ASP A 417 2.81 -36.67 11.11
C ASP A 417 2.78 -37.11 9.65
N GLY A 418 3.52 -38.18 9.36
CA GLY A 418 3.55 -38.69 8.00
C GLY A 418 2.17 -39.04 7.51
N LEU A 419 1.35 -39.61 8.38
CA LEU A 419 -0.01 -40.01 8.03
C LEU A 419 -0.80 -38.75 7.66
N ASN A 420 -0.67 -37.72 8.49
CA ASN A 420 -1.38 -36.47 8.27
C ASN A 420 -0.87 -35.72 7.04
N GLU A 421 0.43 -35.79 6.78
CA GLU A 421 0.97 -35.12 5.60
C GLU A 421 0.39 -35.84 4.39
N ALA A 422 0.20 -37.15 4.51
CA ALA A 422 -0.36 -37.93 3.42
C ALA A 422 -1.82 -37.55 3.23
N LEU A 423 -2.52 -37.35 4.33
CA LEU A 423 -3.93 -36.96 4.25
C LEU A 423 -4.03 -35.63 3.52
N LEU A 424 -3.16 -34.68 3.87
CA LEU A 424 -3.16 -33.36 3.25
C LEU A 424 -2.91 -33.46 1.74
N GLU A 425 -1.95 -34.30 1.36
CA GLU A 425 -1.66 -34.49 -0.06
C GLU A 425 -2.88 -35.05 -0.77
N ARG A 426 -3.58 -35.98 -0.13
CA ARG A 426 -4.76 -36.57 -0.73
C ARG A 426 -5.80 -35.48 -0.94
N ILE A 427 -5.97 -34.61 0.06
CA ILE A 427 -6.94 -33.54 -0.02
C ILE A 427 -6.59 -32.57 -1.16
N ASN A 428 -5.33 -32.13 -1.22
CA ASN A 428 -4.91 -31.21 -2.28
C ASN A 428 -5.03 -31.83 -3.67
N SER A 429 -4.66 -33.09 -3.79
CA SER A 429 -4.74 -33.80 -5.07
C SER A 429 -6.19 -33.97 -5.51
N ALA A 430 -7.11 -34.12 -4.56
CA ALA A 430 -8.51 -34.30 -4.93
C ALA A 430 -9.12 -33.06 -5.55
N ARG A 431 -8.55 -31.89 -5.23
CA ARG A 431 -9.02 -30.63 -5.78
C ARG A 431 -10.45 -30.20 -5.46
N LYS A 432 -11.04 -30.75 -4.40
CA LYS A 432 -12.41 -30.37 -4.06
C LYS A 432 -12.37 -29.18 -3.09
N ILE A 433 -11.49 -29.25 -2.10
CA ILE A 433 -11.38 -28.18 -1.13
C ILE A 433 -9.90 -27.85 -0.98
N HIS A 434 -9.60 -26.69 -0.39
CA HIS A 434 -8.22 -26.28 -0.20
C HIS A 434 -8.00 -25.84 1.25
N LEU A 435 -7.00 -26.45 1.87
CA LEU A 435 -6.64 -26.18 3.28
C LEU A 435 -5.12 -26.11 3.30
N VAL A 436 -4.57 -25.64 4.41
CA VAL A 436 -3.13 -25.60 4.55
C VAL A 436 -2.86 -26.14 5.94
N PRO A 437 -1.64 -26.62 6.18
CA PRO A 437 -1.30 -27.15 7.49
C PRO A 437 -0.48 -26.16 8.28
N CYS A 438 0.00 -26.60 9.43
CA CYS A 438 0.88 -25.80 10.27
C CYS A 438 1.47 -26.79 11.24
N ARG A 439 2.43 -26.35 12.03
CA ARG A 439 3.02 -27.22 13.01
C ARG A 439 2.81 -26.61 14.38
N LEU A 440 2.28 -27.43 15.28
CA LEU A 440 2.03 -27.02 16.65
C LEU A 440 2.95 -27.88 17.51
N ARG A 441 4.05 -27.30 17.96
CA ARG A 441 5.03 -28.03 18.75
C ARG A 441 5.57 -29.18 17.90
N GLY A 442 6.09 -28.84 16.73
CA GLY A 442 6.65 -29.86 15.86
C GLY A 442 5.65 -30.84 15.24
N GLN A 443 4.46 -30.89 15.81
CA GLN A 443 3.41 -31.78 15.34
C GLN A 443 2.71 -31.21 14.11
N PHE A 444 2.52 -32.04 13.08
CA PHE A 444 1.86 -31.63 11.85
C PHE A 444 0.36 -31.58 12.08
N VAL A 445 -0.23 -30.43 11.80
CA VAL A 445 -1.65 -30.21 12.02
C VAL A 445 -2.34 -29.66 10.77
N LEU A 446 -3.59 -30.05 10.54
CA LEU A 446 -4.34 -29.55 9.40
C LEU A 446 -5.18 -28.38 9.93
N ARG A 447 -5.31 -27.34 9.12
CA ARG A 447 -6.12 -26.18 9.52
C ARG A 447 -7.37 -26.10 8.68
N PHE A 448 -8.50 -25.88 9.33
CA PHE A 448 -9.75 -25.73 8.62
C PHE A 448 -10.24 -24.34 9.01
N ALA A 449 -10.20 -23.41 8.06
CA ALA A 449 -10.62 -22.04 8.32
C ALA A 449 -11.84 -21.68 7.50
N ILE A 450 -12.86 -21.15 8.19
CA ILE A 450 -14.09 -20.71 7.54
C ILE A 450 -13.71 -19.39 6.87
N CYS A 451 -13.74 -19.35 5.54
CA CYS A 451 -13.32 -18.15 4.82
C CYS A 451 -14.36 -17.38 4.03
N SER A 452 -14.97 -18.05 3.07
CA SER A 452 -15.92 -17.43 2.18
C SER A 452 -17.11 -16.75 2.83
N ARG A 453 -17.49 -15.60 2.28
CA ARG A 453 -18.64 -14.87 2.76
C ARG A 453 -19.89 -15.74 2.63
N LYS A 454 -19.87 -16.67 1.68
CA LYS A 454 -21.05 -17.51 1.49
C LYS A 454 -20.93 -18.98 1.83
N VAL A 455 -20.07 -19.31 2.79
CA VAL A 455 -19.97 -20.70 3.21
C VAL A 455 -21.27 -20.97 3.97
N GLU A 456 -21.83 -22.17 3.80
CA GLU A 456 -23.06 -22.55 4.50
C GLU A 456 -22.75 -23.88 5.20
N SER A 457 -23.63 -24.33 6.07
CA SER A 457 -23.43 -25.60 6.76
C SER A 457 -23.21 -26.74 5.76
N GLY A 458 -23.96 -26.71 4.65
CA GLY A 458 -23.81 -27.74 3.65
C GLY A 458 -22.38 -27.91 3.20
N HIS A 459 -21.72 -26.80 2.90
CA HIS A 459 -20.34 -26.83 2.43
C HIS A 459 -19.44 -27.46 3.46
N VAL A 460 -19.60 -27.05 4.72
CA VAL A 460 -18.78 -27.58 5.79
C VAL A 460 -19.00 -29.09 5.93
N ARG A 461 -20.26 -29.50 5.85
CA ARG A 461 -20.63 -30.91 5.95
C ARG A 461 -19.96 -31.68 4.81
N LEU A 462 -20.12 -31.21 3.58
CA LEU A 462 -19.50 -31.89 2.44
C LEU A 462 -17.98 -31.91 2.56
N ALA A 463 -17.40 -30.84 3.10
CA ALA A 463 -15.95 -30.78 3.25
C ALA A 463 -15.51 -31.84 4.25
N TRP A 464 -16.27 -31.99 5.32
CA TRP A 464 -15.93 -32.99 6.33
C TRP A 464 -16.10 -34.40 5.79
N GLU A 465 -17.18 -34.65 5.08
CA GLU A 465 -17.42 -35.96 4.50
C GLU A 465 -16.28 -36.30 3.55
N HIS A 466 -15.89 -35.33 2.73
CA HIS A 466 -14.81 -35.52 1.80
C HIS A 466 -13.51 -35.86 2.54
N ILE A 467 -13.23 -35.13 3.62
CA ILE A 467 -12.03 -35.38 4.39
C ILE A 467 -12.08 -36.73 5.09
N ARG A 468 -13.24 -37.06 5.67
CA ARG A 468 -13.39 -38.33 6.39
C ARG A 468 -13.20 -39.49 5.42
N GLY A 469 -13.75 -39.37 4.21
CA GLY A 469 -13.61 -40.42 3.24
C GLY A 469 -12.15 -40.67 2.88
N LEU A 470 -11.41 -39.60 2.56
CA LEU A 470 -10.01 -39.75 2.22
C LEU A 470 -9.24 -40.36 3.38
N ALA A 471 -9.61 -39.98 4.60
CA ALA A 471 -8.93 -40.52 5.78
C ALA A 471 -9.15 -42.02 5.88
N ALA A 472 -10.35 -42.48 5.54
CA ALA A 472 -10.67 -43.91 5.59
C ALA A 472 -9.79 -44.67 4.62
N GLU A 473 -9.77 -44.24 3.35
CA GLU A 473 -8.96 -44.88 2.32
C GLU A 473 -7.52 -44.98 2.80
N LEU A 474 -6.99 -43.85 3.25
CA LEU A 474 -5.63 -43.79 3.72
C LEU A 474 -5.35 -44.74 4.87
N LEU A 475 -6.27 -44.83 5.83
CA LEU A 475 -6.10 -45.72 6.98
C LEU A 475 -6.05 -47.19 6.58
N ALA A 476 -6.73 -47.53 5.48
CA ALA A 476 -6.74 -48.89 5.00
C ALA A 476 -5.35 -49.27 4.49
N MET B 1 -25.60 -7.02 1.21
CA MET B 1 -26.24 -7.13 -0.13
C MET B 1 -25.72 -8.32 -0.94
N ASN B 2 -26.53 -8.76 -1.91
CA ASN B 2 -26.16 -9.91 -2.74
C ASN B 2 -25.85 -9.57 -4.19
N ALA B 3 -25.51 -10.60 -4.96
CA ALA B 3 -25.14 -10.43 -6.36
C ALA B 3 -26.18 -9.72 -7.23
N SER B 4 -27.45 -10.05 -7.06
CA SER B 4 -28.48 -9.41 -7.85
C SER B 4 -28.58 -7.94 -7.47
N ASP B 5 -28.45 -7.63 -6.18
CA ASP B 5 -28.50 -6.23 -5.76
C ASP B 5 -27.31 -5.51 -6.35
N PHE B 6 -26.16 -6.18 -6.34
CA PHE B 6 -24.95 -5.57 -6.89
C PHE B 6 -25.08 -5.31 -8.38
N ARG B 7 -25.72 -6.22 -9.12
CA ARG B 7 -25.88 -6.02 -10.56
C ARG B 7 -26.61 -4.72 -10.78
N ARG B 8 -27.57 -4.43 -9.92
CA ARG B 8 -28.34 -3.22 -10.05
C ARG B 8 -27.56 -1.99 -9.56
N ARG B 9 -27.07 -2.04 -8.32
CA ARG B 9 -26.33 -0.91 -7.75
C ARG B 9 -24.99 -0.66 -8.42
N GLY B 10 -24.30 -1.72 -8.82
CA GLY B 10 -23.03 -1.58 -9.50
C GLY B 10 -23.21 -0.78 -10.78
N LYS B 11 -24.30 -1.05 -11.50
CA LYS B 11 -24.54 -0.34 -12.74
C LYS B 11 -24.89 1.12 -12.45
N GLU B 12 -25.59 1.35 -11.34
CA GLU B 12 -25.93 2.72 -10.96
C GLU B 12 -24.64 3.44 -10.63
N MET B 13 -23.75 2.75 -9.91
CA MET B 13 -22.48 3.36 -9.53
C MET B 13 -21.67 3.69 -10.77
N VAL B 14 -21.75 2.84 -11.79
CA VAL B 14 -21.03 3.11 -13.03
C VAL B 14 -21.52 4.44 -13.62
N ASP B 15 -22.83 4.63 -13.64
CA ASP B 15 -23.36 5.87 -14.18
C ASP B 15 -22.95 7.06 -13.32
N TYR B 16 -22.91 6.85 -12.01
CA TYR B 16 -22.54 7.94 -11.11
C TYR B 16 -21.09 8.35 -11.37
N MET B 17 -20.21 7.36 -11.55
CA MET B 17 -18.79 7.60 -11.83
C MET B 17 -18.61 8.33 -13.16
N ALA B 18 -19.33 7.87 -14.18
CA ALA B 18 -19.24 8.50 -15.50
C ALA B 18 -19.77 9.92 -15.41
N ASP B 19 -20.91 10.11 -14.73
CA ASP B 19 -21.47 11.45 -14.57
C ASP B 19 -20.52 12.40 -13.88
N TYR B 20 -19.86 11.93 -12.83
CA TYR B 20 -18.92 12.75 -12.09
C TYR B 20 -17.77 13.20 -12.99
N LEU B 21 -17.07 12.24 -13.59
CA LEU B 21 -15.95 12.57 -14.45
C LEU B 21 -16.39 13.40 -15.65
N GLU B 22 -17.55 13.06 -16.21
CA GLU B 22 -18.03 13.76 -17.39
C GLU B 22 -18.42 15.23 -17.12
N GLY B 23 -19.04 15.50 -15.98
CA GLY B 23 -19.42 16.87 -15.70
C GLY B 23 -18.48 17.55 -14.72
N ILE B 24 -17.29 16.98 -14.55
CA ILE B 24 -16.33 17.52 -13.60
C ILE B 24 -15.90 18.97 -13.86
N GLU B 25 -16.00 19.42 -15.09
CA GLU B 25 -15.62 20.80 -15.41
C GLU B 25 -16.54 21.79 -14.71
N GLY B 26 -17.73 21.35 -14.33
CA GLY B 26 -18.66 22.23 -13.65
C GLY B 26 -18.47 22.27 -12.16
N ARG B 27 -17.46 21.57 -11.65
CA ARG B 27 -17.19 21.56 -10.23
C ARG B 27 -16.13 22.60 -9.89
N GLN B 28 -16.19 23.14 -8.68
CA GLN B 28 -15.17 24.09 -8.26
C GLN B 28 -14.00 23.17 -7.89
N VAL B 29 -12.82 23.42 -8.45
CA VAL B 29 -11.68 22.55 -8.20
C VAL B 29 -11.26 22.37 -6.75
N TYR B 30 -11.01 23.48 -6.06
CA TYR B 30 -10.57 23.46 -4.69
C TYR B 30 -11.78 23.78 -3.79
N PRO B 31 -11.95 23.05 -2.68
CA PRO B 31 -13.08 23.26 -1.77
C PRO B 31 -12.98 24.47 -0.84
N ASP B 32 -14.14 24.97 -0.40
CA ASP B 32 -14.21 26.13 0.49
C ASP B 32 -14.41 25.67 1.91
N VAL B 33 -14.51 24.38 2.07
CA VAL B 33 -14.75 23.76 3.35
C VAL B 33 -13.56 24.02 4.28
N GLN B 34 -13.84 24.07 5.57
CA GLN B 34 -12.83 24.33 6.59
C GLN B 34 -12.45 23.01 7.28
N PRO B 35 -11.21 22.89 7.75
CA PRO B 35 -10.80 21.66 8.42
C PRO B 35 -11.74 21.30 9.55
N GLY B 36 -12.20 20.04 9.57
CA GLY B 36 -13.13 19.58 10.60
C GLY B 36 -14.59 19.71 10.21
N TYR B 37 -14.85 20.10 8.96
CA TYR B 37 -16.23 20.28 8.50
C TYR B 37 -17.07 19.01 8.49
N LEU B 38 -16.43 17.87 8.31
CA LEU B 38 -17.20 16.66 8.17
C LEU B 38 -17.84 16.00 9.36
N ARG B 39 -17.10 15.88 10.46
CA ARG B 39 -17.64 15.19 11.62
C ARG B 39 -19.07 15.60 12.06
N PRO B 40 -19.35 16.91 12.13
CA PRO B 40 -20.71 17.28 12.55
C PRO B 40 -21.80 16.93 11.57
N LEU B 41 -21.44 16.63 10.32
CA LEU B 41 -22.44 16.31 9.30
C LEU B 41 -22.85 14.85 9.21
N ILE B 42 -22.19 13.96 9.94
CA ILE B 42 -22.58 12.56 9.89
C ILE B 42 -22.67 12.02 11.30
N PRO B 43 -23.41 10.92 11.49
CA PRO B 43 -23.59 10.31 12.80
C PRO B 43 -22.29 10.01 13.49
N ALA B 44 -22.33 9.98 14.83
CA ALA B 44 -21.15 9.73 15.64
C ALA B 44 -20.93 8.25 15.81
N THR B 45 -21.89 7.47 15.35
CA THR B 45 -21.82 6.03 15.48
C THR B 45 -22.30 5.35 14.20
N ALA B 46 -21.86 4.13 13.96
CA ALA B 46 -22.31 3.36 12.79
C ALA B 46 -23.78 2.98 13.00
N PRO B 47 -24.54 2.80 11.92
CA PRO B 47 -25.95 2.43 12.08
C PRO B 47 -26.10 0.96 12.50
N GLN B 48 -27.10 0.68 13.32
CA GLN B 48 -27.33 -0.69 13.78
C GLN B 48 -27.92 -1.48 12.64
N GLU B 49 -28.76 -0.81 11.87
CA GLU B 49 -29.46 -1.40 10.74
C GLU B 49 -28.98 -0.71 9.47
N PRO B 50 -29.07 -1.41 8.33
CA PRO B 50 -28.65 -0.89 7.03
C PRO B 50 -29.23 0.46 6.64
N ASP B 51 -28.44 1.26 5.95
CA ASP B 51 -28.90 2.54 5.41
C ASP B 51 -29.15 2.11 3.97
N THR B 52 -29.83 2.91 3.17
CA THR B 52 -30.07 2.50 1.80
C THR B 52 -28.93 3.03 0.93
N PHE B 53 -28.75 2.43 -0.23
CA PHE B 53 -27.73 2.84 -1.16
C PHE B 53 -28.04 4.27 -1.62
N GLU B 54 -29.31 4.58 -1.82
CA GLU B 54 -29.73 5.90 -2.25
C GLU B 54 -29.28 6.95 -1.26
N ASP B 55 -29.44 6.65 0.03
CA ASP B 55 -29.05 7.59 1.06
C ASP B 55 -27.55 7.82 1.05
N ILE B 56 -26.78 6.75 0.82
CA ILE B 56 -25.33 6.86 0.79
C ILE B 56 -24.89 7.73 -0.39
N LEU B 57 -25.48 7.50 -1.55
CA LEU B 57 -25.14 8.26 -2.73
C LEU B 57 -25.48 9.74 -2.56
N GLN B 58 -26.55 10.04 -1.83
CA GLN B 58 -26.94 11.42 -1.57
C GLN B 58 -25.88 12.06 -0.68
N ASP B 59 -25.40 11.28 0.29
CA ASP B 59 -24.37 11.78 1.20
C ASP B 59 -23.06 12.01 0.46
N VAL B 60 -22.77 11.14 -0.51
CA VAL B 60 -21.55 11.33 -1.27
C VAL B 60 -21.60 12.70 -1.95
N GLU B 61 -22.72 12.97 -2.60
CA GLU B 61 -22.91 14.21 -3.33
C GLU B 61 -22.99 15.45 -2.43
N LYS B 62 -23.72 15.36 -1.33
CA LYS B 62 -23.92 16.51 -0.47
C LYS B 62 -22.96 16.76 0.66
N ILE B 63 -22.34 15.69 1.16
CA ILE B 63 -21.41 15.80 2.26
C ILE B 63 -19.95 15.55 1.87
N ILE B 64 -19.71 14.56 1.02
CA ILE B 64 -18.36 14.24 0.59
C ILE B 64 -17.81 15.18 -0.47
N MET B 65 -18.53 15.34 -1.58
CA MET B 65 -18.08 16.20 -2.67
C MET B 65 -17.62 17.60 -2.28
N PRO B 66 -18.32 18.26 -1.34
CA PRO B 66 -17.87 19.62 -0.98
C PRO B 66 -16.46 19.61 -0.36
N GLY B 67 -16.03 18.44 0.12
CA GLY B 67 -14.71 18.34 0.71
C GLY B 67 -13.72 17.62 -0.19
N VAL B 68 -13.99 17.60 -1.49
CA VAL B 68 -13.10 16.92 -2.44
C VAL B 68 -12.40 17.96 -3.32
N THR B 69 -11.09 17.77 -3.52
CA THR B 69 -10.33 18.63 -4.41
C THR B 69 -10.33 17.80 -5.69
N HIS B 70 -10.85 18.36 -6.77
CA HIS B 70 -11.00 17.59 -8.02
C HIS B 70 -9.78 17.49 -8.88
N TRP B 71 -8.98 16.47 -8.57
CA TRP B 71 -7.73 16.16 -9.25
C TRP B 71 -7.90 15.97 -10.73
N HIS B 72 -9.09 15.58 -11.16
CA HIS B 72 -9.29 15.31 -12.55
C HIS B 72 -10.01 16.38 -13.35
N SER B 73 -10.17 17.53 -12.73
CA SER B 73 -10.76 18.64 -13.44
C SER B 73 -9.71 19.19 -14.39
N PRO B 74 -10.14 19.64 -15.57
CA PRO B 74 -9.21 20.21 -16.53
C PRO B 74 -8.50 21.41 -15.90
N TYR B 75 -9.15 22.00 -14.89
CA TYR B 75 -8.60 23.18 -14.22
C TYR B 75 -7.72 22.91 -13.00
N PHE B 76 -7.39 21.66 -12.76
CA PHE B 76 -6.51 21.31 -11.65
C PHE B 76 -5.13 21.29 -12.30
N PHE B 77 -4.26 22.22 -11.92
CA PHE B 77 -2.91 22.32 -12.47
C PHE B 77 -1.90 22.28 -11.34
N ALA B 78 -2.25 21.54 -10.30
CA ALA B 78 -1.41 21.44 -9.12
C ALA B 78 -0.56 20.18 -9.07
N TYR B 79 0.52 20.26 -8.28
CA TYR B 79 1.42 19.14 -8.07
C TYR B 79 1.84 18.53 -9.38
N PHE B 80 1.48 17.27 -9.58
CA PHE B 80 1.73 16.52 -10.79
C PHE B 80 0.46 15.74 -10.99
N PRO B 81 0.17 15.33 -12.23
CA PRO B 81 -1.07 14.59 -12.43
C PRO B 81 -1.11 13.27 -11.67
N THR B 82 -2.31 12.82 -11.33
CA THR B 82 -2.41 11.49 -10.75
C THR B 82 -3.25 10.81 -11.82
N ALA B 83 -3.09 9.50 -12.00
CA ALA B 83 -3.79 8.80 -13.06
C ALA B 83 -5.24 8.47 -12.84
N SER B 84 -6.00 8.59 -13.91
CA SER B 84 -7.41 8.24 -13.94
C SER B 84 -7.77 7.83 -15.37
N SER B 85 -8.08 6.56 -15.57
CA SER B 85 -8.49 6.13 -16.91
C SER B 85 -9.55 5.08 -16.68
N TYR B 86 -10.47 4.94 -17.63
CA TYR B 86 -11.52 3.97 -17.48
C TYR B 86 -11.00 2.54 -17.57
N PRO B 87 -9.98 2.29 -18.40
CA PRO B 87 -9.51 0.91 -18.44
C PRO B 87 -8.99 0.50 -17.05
N ALA B 88 -8.25 1.40 -16.40
CA ALA B 88 -7.71 1.13 -15.06
C ALA B 88 -8.83 0.88 -14.08
N MET B 89 -9.94 1.63 -14.21
CA MET B 89 -11.07 1.44 -13.31
C MET B 89 -11.73 0.09 -13.54
N LEU B 90 -11.79 -0.33 -14.80
CA LEU B 90 -12.40 -1.61 -15.14
C LEU B 90 -11.58 -2.74 -14.52
N ALA B 91 -10.26 -2.60 -14.58
CA ALA B 91 -9.36 -3.60 -14.04
C ALA B 91 -9.46 -3.64 -12.53
N ASP B 92 -9.60 -2.48 -11.90
CA ASP B 92 -9.70 -2.41 -10.45
C ASP B 92 -10.95 -3.15 -10.01
N MET B 93 -12.02 -3.03 -10.78
CA MET B 93 -13.26 -3.70 -10.45
C MET B 93 -13.02 -5.20 -10.51
N LEU B 94 -12.41 -5.66 -11.60
CA LEU B 94 -12.14 -7.07 -11.73
C LEU B 94 -11.21 -7.50 -10.60
N CYS B 95 -10.19 -6.70 -10.32
CA CYS B 95 -9.23 -6.99 -9.26
C CYS B 95 -9.91 -7.27 -7.94
N GLY B 96 -10.87 -6.42 -7.57
CA GLY B 96 -11.57 -6.62 -6.31
C GLY B 96 -12.49 -7.84 -6.32
N ALA B 97 -13.02 -8.19 -7.49
CA ALA B 97 -13.92 -9.32 -7.62
C ALA B 97 -13.16 -10.64 -7.45
N ILE B 98 -12.02 -10.76 -8.12
CA ILE B 98 -11.17 -11.96 -7.98
C ILE B 98 -10.74 -11.97 -6.51
N GLY B 99 -10.42 -10.79 -6.00
CA GLY B 99 -10.05 -10.61 -4.60
C GLY B 99 -9.06 -11.55 -3.95
N CYS B 100 -7.95 -11.83 -4.63
CA CYS B 100 -6.95 -12.70 -4.04
C CYS B 100 -5.90 -11.85 -3.34
N ILE B 101 -5.17 -12.45 -2.40
CA ILE B 101 -4.07 -11.76 -1.72
C ILE B 101 -2.82 -12.53 -2.21
N GLY B 102 -2.10 -11.96 -3.16
CA GLY B 102 -0.94 -12.63 -3.73
C GLY B 102 0.34 -12.64 -2.91
N PHE B 103 0.26 -13.07 -1.65
CA PHE B 103 1.44 -13.08 -0.80
C PHE B 103 2.37 -14.23 -1.13
N SER B 104 1.90 -15.15 -1.97
CA SER B 104 2.74 -16.27 -2.41
C SER B 104 2.20 -16.70 -3.77
N TRP B 105 2.98 -17.50 -4.49
CA TRP B 105 2.55 -17.95 -5.80
C TRP B 105 1.24 -18.76 -5.68
N ALA B 106 1.23 -19.71 -4.75
CA ALA B 106 0.07 -20.54 -4.53
C ALA B 106 -1.23 -19.77 -4.19
N ALA B 107 -1.12 -18.55 -3.66
CA ALA B 107 -2.29 -17.74 -3.29
C ALA B 107 -3.04 -17.25 -4.53
N SER B 108 -2.40 -17.38 -5.68
CA SER B 108 -2.95 -17.04 -7.00
C SER B 108 -1.83 -16.84 -7.99
N PRO B 109 -1.42 -17.93 -8.68
CA PRO B 109 -0.34 -17.88 -9.66
C PRO B 109 -0.39 -16.68 -10.57
N ALA B 110 -1.56 -16.44 -11.17
CA ALA B 110 -1.70 -15.34 -12.11
C ALA B 110 -1.47 -13.95 -11.49
N CYS B 111 -1.76 -13.79 -10.20
CA CYS B 111 -1.57 -12.50 -9.55
C CYS B 111 -0.09 -12.12 -9.60
N THR B 112 0.77 -13.12 -9.45
CA THR B 112 2.19 -12.89 -9.51
C THR B 112 2.71 -12.93 -10.94
N GLU B 113 2.26 -13.91 -11.72
CA GLU B 113 2.79 -14.05 -13.07
C GLU B 113 2.46 -12.96 -14.06
N LEU B 114 1.24 -12.45 -14.01
CA LEU B 114 0.87 -11.37 -14.92
C LEU B 114 1.71 -10.13 -14.61
N GLU B 115 2.03 -9.92 -13.34
CA GLU B 115 2.78 -8.74 -12.95
C GLU B 115 4.17 -8.70 -13.55
N THR B 116 4.87 -9.83 -13.48
CA THR B 116 6.22 -9.90 -14.04
C THR B 116 6.19 -9.60 -15.54
N VAL B 117 5.18 -10.11 -16.24
CA VAL B 117 5.10 -9.89 -17.69
C VAL B 117 4.79 -8.43 -17.98
N MET B 118 3.85 -7.85 -17.22
CA MET B 118 3.50 -6.45 -17.44
C MET B 118 4.71 -5.57 -17.18
N MET B 119 5.53 -5.94 -16.21
CA MET B 119 6.72 -5.17 -15.94
C MET B 119 7.73 -5.29 -17.07
N ASP B 120 7.75 -6.42 -17.77
CA ASP B 120 8.66 -6.57 -18.90
C ASP B 120 8.08 -5.78 -20.08
N TRP B 121 6.76 -5.85 -20.26
CA TRP B 121 6.10 -5.11 -21.33
C TRP B 121 6.47 -3.64 -21.17
N LEU B 122 6.28 -3.13 -19.95
CA LEU B 122 6.56 -1.73 -19.65
C LEU B 122 8.06 -1.44 -19.75
N GLY B 123 8.89 -2.40 -19.35
CA GLY B 123 10.31 -2.21 -19.45
C GLY B 123 10.72 -2.04 -20.91
N LYS B 124 10.07 -2.80 -21.80
CA LYS B 124 10.38 -2.71 -23.22
C LYS B 124 9.87 -1.40 -23.81
N MET B 125 8.70 -0.94 -23.37
CA MET B 125 8.17 0.32 -23.88
C MET B 125 9.16 1.45 -23.57
N LEU B 126 9.83 1.34 -22.43
CA LEU B 126 10.77 2.35 -21.98
C LEU B 126 12.16 2.12 -22.54
N GLN B 127 12.34 1.03 -23.28
CA GLN B 127 13.64 0.67 -23.81
C GLN B 127 14.65 0.59 -22.69
N LEU B 128 14.30 -0.07 -21.59
CA LEU B 128 15.23 -0.19 -20.49
C LEU B 128 16.26 -1.23 -20.91
N PRO B 129 17.48 -1.14 -20.35
CA PRO B 129 18.52 -2.11 -20.69
C PRO B 129 17.94 -3.48 -20.32
N GLU B 130 18.34 -4.51 -21.02
CA GLU B 130 17.84 -5.86 -20.77
C GLU B 130 18.14 -6.36 -19.37
N ALA B 131 19.16 -5.80 -18.74
CA ALA B 131 19.51 -6.20 -17.39
C ALA B 131 18.34 -6.04 -16.42
N PHE B 132 17.41 -5.14 -16.73
CA PHE B 132 16.25 -4.93 -15.85
C PHE B 132 15.06 -5.83 -16.13
N LEU B 133 15.09 -6.54 -17.25
CA LEU B 133 13.98 -7.40 -17.64
C LEU B 133 14.07 -8.80 -17.07
N ALA B 134 12.94 -9.37 -16.70
CA ALA B 134 12.94 -10.71 -16.13
C ALA B 134 13.08 -11.72 -17.24
N GLY B 135 12.20 -11.66 -18.24
CA GLY B 135 12.28 -12.60 -19.34
C GLY B 135 12.29 -14.02 -18.81
N GLU B 136 13.01 -14.90 -19.51
CA GLU B 136 13.05 -16.28 -19.04
C GLU B 136 14.30 -16.64 -18.27
N ALA B 137 15.34 -15.83 -18.40
CA ALA B 137 16.58 -16.12 -17.70
C ALA B 137 17.26 -14.90 -17.07
N GLY B 138 16.53 -13.80 -16.94
CA GLY B 138 17.12 -12.60 -16.38
C GLY B 138 17.27 -12.60 -14.86
N GLU B 139 18.33 -11.97 -14.36
CA GLU B 139 18.55 -11.88 -12.92
C GLU B 139 17.75 -10.72 -12.33
N GLY B 140 17.39 -9.77 -13.19
CA GLY B 140 16.65 -8.61 -12.74
C GLY B 140 15.16 -8.84 -12.85
N GLY B 141 14.41 -7.76 -12.98
CA GLY B 141 12.98 -7.89 -13.10
C GLY B 141 12.29 -6.74 -12.42
N GLY B 142 10.98 -6.67 -12.57
CA GLY B 142 10.24 -5.59 -11.98
C GLY B 142 9.12 -6.04 -11.08
N VAL B 143 8.68 -5.11 -10.24
CA VAL B 143 7.63 -5.37 -9.29
C VAL B 143 6.83 -4.09 -9.17
N ILE B 144 5.56 -4.22 -8.84
CA ILE B 144 4.71 -3.06 -8.66
C ILE B 144 4.83 -2.73 -7.18
N GLN B 145 5.23 -1.50 -6.87
CA GLN B 145 5.32 -1.06 -5.48
C GLN B 145 4.04 -0.24 -5.25
N GLY B 146 3.67 -0.02 -4.00
CA GLY B 146 2.48 0.78 -3.73
C GLY B 146 2.68 2.23 -4.12
N SER B 147 3.92 2.72 -4.10
CA SER B 147 4.18 4.11 -4.45
C SER B 147 5.68 4.31 -4.61
N ALA B 148 6.07 5.45 -5.18
CA ALA B 148 7.49 5.74 -5.35
C ALA B 148 8.15 5.95 -3.99
N SER B 149 7.43 6.52 -3.03
CA SER B 149 8.00 6.73 -1.70
C SER B 149 8.41 5.38 -1.12
N GLU B 150 7.58 4.35 -1.34
CA GLU B 150 7.90 3.02 -0.82
C GLU B 150 9.03 2.37 -1.63
N ALA B 151 9.02 2.60 -2.93
CA ALA B 151 10.06 2.02 -3.78
C ALA B 151 11.42 2.54 -3.33
N THR B 152 11.48 3.82 -2.98
CA THR B 152 12.74 4.42 -2.55
C THR B 152 13.21 3.84 -1.24
N LEU B 153 12.29 3.58 -0.33
CA LEU B 153 12.65 2.98 0.96
C LEU B 153 13.11 1.55 0.71
N VAL B 154 12.45 0.85 -0.21
CA VAL B 154 12.84 -0.52 -0.51
C VAL B 154 14.28 -0.53 -1.05
N ALA B 155 14.57 0.34 -2.00
CA ALA B 155 15.91 0.39 -2.55
C ALA B 155 16.91 0.77 -1.47
N LEU B 156 16.55 1.71 -0.60
CA LEU B 156 17.48 2.12 0.45
C LEU B 156 17.79 0.95 1.39
N LEU B 157 16.76 0.19 1.74
CA LEU B 157 16.95 -0.97 2.63
C LEU B 157 17.81 -2.04 1.94
N ALA B 158 17.60 -2.27 0.65
CA ALA B 158 18.40 -3.26 -0.05
C ALA B 158 19.83 -2.77 -0.09
N ALA B 159 20.01 -1.48 -0.34
CA ALA B 159 21.35 -0.91 -0.39
C ALA B 159 21.98 -0.97 1.00
N ARG B 160 21.20 -0.73 2.03
CA ARG B 160 21.71 -0.74 3.40
C ARG B 160 22.20 -2.13 3.77
N THR B 161 21.44 -3.14 3.40
CA THR B 161 21.82 -4.51 3.70
C THR B 161 23.08 -4.91 2.92
N LYS B 162 23.13 -4.51 1.66
CA LYS B 162 24.28 -4.83 0.82
C LYS B 162 25.60 -4.26 1.35
N VAL B 163 25.63 -2.98 1.70
CA VAL B 163 26.87 -2.39 2.20
C VAL B 163 27.18 -2.91 3.60
N VAL B 164 26.16 -3.23 4.38
CA VAL B 164 26.42 -3.76 5.70
C VAL B 164 27.16 -5.12 5.59
N ARG B 165 26.72 -5.95 4.66
CA ARG B 165 27.33 -7.26 4.47
C ARG B 165 28.74 -7.11 3.93
N ARG B 166 28.95 -6.15 3.04
CA ARG B 166 30.26 -5.95 2.47
C ARG B 166 31.23 -5.58 3.60
N LEU B 167 30.77 -4.70 4.48
CA LEU B 167 31.58 -4.25 5.61
C LEU B 167 31.86 -5.30 6.66
N GLN B 168 30.83 -6.01 7.10
CA GLN B 168 31.03 -7.04 8.10
C GLN B 168 31.93 -8.14 7.54
N ALA B 169 32.12 -8.17 6.22
CA ALA B 169 32.99 -9.17 5.62
C ALA B 169 34.42 -8.73 5.94
N ALA B 170 34.65 -7.43 5.98
CA ALA B 170 35.99 -6.94 6.31
C ALA B 170 36.21 -6.94 7.81
N SER B 171 35.16 -6.60 8.55
CA SER B 171 35.22 -6.50 10.00
C SER B 171 34.04 -7.27 10.58
N PRO B 172 34.18 -8.59 10.76
CA PRO B 172 33.04 -9.34 11.29
C PRO B 172 32.45 -9.00 12.66
N GLY B 173 33.19 -8.32 13.51
CA GLY B 173 32.63 -7.98 14.81
C GLY B 173 31.72 -6.77 14.69
N LEU B 174 31.80 -6.11 13.53
CA LEU B 174 31.01 -4.93 13.24
C LEU B 174 29.52 -5.23 13.23
N THR B 175 28.82 -4.58 14.14
CA THR B 175 27.38 -4.75 14.27
C THR B 175 26.62 -3.86 13.29
N GLN B 176 25.35 -4.18 13.09
CA GLN B 176 24.50 -3.40 12.20
C GLN B 176 24.46 -1.96 12.72
N GLY B 177 24.35 -1.81 14.03
CA GLY B 177 24.31 -0.48 14.62
C GLY B 177 25.58 0.31 14.37
N ALA B 178 26.75 -0.34 14.47
CA ALA B 178 28.01 0.35 14.24
C ALA B 178 28.11 0.77 12.77
N VAL B 179 27.57 -0.04 11.88
CA VAL B 179 27.63 0.28 10.47
C VAL B 179 26.71 1.47 10.16
N LEU B 180 25.52 1.48 10.75
CA LEU B 180 24.57 2.55 10.50
C LEU B 180 25.11 3.94 10.81
N GLU B 181 25.93 4.05 11.84
CA GLU B 181 26.51 5.34 12.21
C GLU B 181 27.40 5.90 11.12
N LYS B 182 28.01 5.05 10.30
CA LYS B 182 28.92 5.54 9.26
C LYS B 182 28.29 5.74 7.88
N LEU B 183 27.10 5.18 7.69
CA LEU B 183 26.44 5.27 6.39
C LEU B 183 25.90 6.64 6.04
N VAL B 184 26.12 7.03 4.78
CA VAL B 184 25.59 8.30 4.31
C VAL B 184 24.94 8.07 2.95
N ALA B 185 23.75 8.64 2.76
CA ALA B 185 23.05 8.52 1.50
C ALA B 185 23.00 9.91 0.86
N TYR B 186 22.84 9.99 -0.45
CA TYR B 186 22.78 11.31 -1.07
C TYR B 186 21.64 11.42 -2.04
N ALA B 187 21.17 12.65 -2.20
CA ALA B 187 20.11 12.95 -3.15
C ALA B 187 20.29 14.45 -3.49
N SER B 188 19.73 14.87 -4.60
CA SER B 188 19.83 16.27 -5.00
C SER B 188 19.10 17.16 -3.99
N ASP B 189 19.45 18.44 -3.95
CA ASP B 189 18.74 19.35 -3.05
C ASP B 189 17.33 19.56 -3.57
N GLN B 190 17.06 19.06 -4.79
CA GLN B 190 15.74 19.13 -5.39
C GLN B 190 14.97 17.79 -5.23
N ALA B 191 15.56 16.81 -4.55
CA ALA B 191 14.92 15.51 -4.38
C ALA B 191 13.60 15.61 -3.59
N HIS B 192 12.68 14.70 -3.88
CA HIS B 192 11.38 14.69 -3.21
C HIS B 192 11.57 14.30 -1.75
N SER B 193 10.68 14.78 -0.89
CA SER B 193 10.76 14.51 0.55
C SER B 193 10.69 13.00 0.90
N SER B 194 10.24 12.19 -0.03
CA SER B 194 10.17 10.75 0.22
C SER B 194 11.56 10.18 0.45
N VAL B 195 12.59 10.86 -0.07
CA VAL B 195 13.97 10.41 0.10
C VAL B 195 14.40 10.66 1.55
N GLU B 196 14.02 11.80 2.10
CA GLU B 196 14.37 12.12 3.49
C GLU B 196 13.64 11.16 4.41
N ARG B 197 12.39 10.86 4.09
CA ARG B 197 11.65 9.92 4.90
C ARG B 197 12.31 8.54 4.86
N ALA B 198 12.85 8.18 3.70
CA ALA B 198 13.50 6.88 3.55
C ALA B 198 14.75 6.87 4.42
N GLY B 199 15.49 7.95 4.42
CA GLY B 199 16.70 8.00 5.24
C GLY B 199 16.37 7.90 6.71
N LEU B 200 15.32 8.61 7.10
CA LEU B 200 14.89 8.62 8.49
C LEU B 200 14.47 7.23 8.93
N ILE B 201 13.62 6.58 8.13
CA ILE B 201 13.17 5.25 8.46
C ILE B 201 14.31 4.24 8.43
N GLY B 202 15.22 4.41 7.48
CA GLY B 202 16.34 3.49 7.37
C GLY B 202 17.44 3.73 8.39
N GLY B 203 17.29 4.80 9.18
CA GLY B 203 18.27 5.12 10.22
C GLY B 203 19.63 5.57 9.70
N VAL B 204 19.67 6.21 8.53
CA VAL B 204 20.94 6.66 8.00
C VAL B 204 20.95 8.15 7.75
N LYS B 205 22.14 8.72 7.61
CA LYS B 205 22.25 10.15 7.34
C LYS B 205 22.02 10.39 5.87
N LEU B 206 21.26 11.42 5.55
CA LEU B 206 21.00 11.77 4.16
C LEU B 206 21.58 13.14 3.95
N LYS B 207 22.35 13.31 2.90
CA LYS B 207 22.94 14.61 2.60
C LYS B 207 22.51 15.08 1.23
N ALA B 208 22.16 16.34 1.13
CA ALA B 208 21.71 16.91 -0.13
C ALA B 208 22.92 17.35 -0.96
N ILE B 209 22.89 17.07 -2.25
CA ILE B 209 23.96 17.49 -3.13
C ILE B 209 23.47 18.77 -3.84
N PRO B 210 24.26 19.86 -3.78
CA PRO B 210 23.86 21.11 -4.44
C PRO B 210 23.62 20.85 -5.93
N SER B 211 22.50 21.34 -6.47
CA SER B 211 22.24 21.14 -7.90
C SER B 211 22.86 22.30 -8.66
N ASP B 212 23.07 22.11 -9.96
CA ASP B 212 23.68 23.15 -10.77
C ASP B 212 22.66 24.19 -11.21
N GLY B 213 23.04 24.97 -12.22
CA GLY B 213 22.18 26.03 -12.71
C GLY B 213 20.86 25.55 -13.27
N LYS B 214 20.83 24.32 -13.78
CA LYS B 214 19.60 23.78 -14.33
C LYS B 214 18.94 22.83 -13.32
N PHE B 215 19.28 23.01 -12.05
CA PHE B 215 18.75 22.21 -10.94
C PHE B 215 18.96 20.72 -11.08
N ALA B 216 20.11 20.36 -11.64
CA ALA B 216 20.48 18.98 -11.85
C ALA B 216 21.66 18.60 -10.99
N MET B 217 21.69 17.35 -10.53
CA MET B 217 22.82 16.86 -9.76
C MET B 217 23.92 16.58 -10.79
N ARG B 218 25.14 17.01 -10.49
CA ARG B 218 26.24 16.80 -11.41
C ARG B 218 27.38 16.01 -10.77
N ALA B 219 28.21 15.40 -11.60
CA ALA B 219 29.35 14.63 -11.12
C ALA B 219 30.23 15.44 -10.16
N SER B 220 30.62 16.64 -10.58
CA SER B 220 31.48 17.48 -9.75
C SER B 220 30.97 17.67 -8.33
N ALA B 221 29.70 18.01 -8.20
CA ALA B 221 29.12 18.22 -6.87
C ALA B 221 29.00 16.92 -6.08
N LEU B 222 28.69 15.82 -6.76
CA LEU B 222 28.59 14.54 -6.05
C LEU B 222 29.98 14.13 -5.54
N GLN B 223 30.96 14.16 -6.43
CA GLN B 223 32.33 13.79 -6.09
C GLN B 223 32.86 14.61 -4.94
N GLU B 224 32.60 15.91 -4.97
CA GLU B 224 33.07 16.77 -3.90
C GLU B 224 32.52 16.25 -2.57
N ALA B 225 31.22 15.93 -2.55
CA ALA B 225 30.58 15.44 -1.33
C ALA B 225 31.17 14.10 -0.91
N LEU B 226 31.35 13.18 -1.86
CA LEU B 226 31.92 11.89 -1.55
C LEU B 226 33.30 12.01 -0.90
N GLU B 227 34.19 12.79 -1.51
CA GLU B 227 35.53 12.95 -0.97
C GLU B 227 35.51 13.50 0.44
N ARG B 228 34.71 14.53 0.66
CA ARG B 228 34.62 15.13 1.97
C ARG B 228 34.13 14.12 3.01
N ASP B 229 33.08 13.38 2.68
CA ASP B 229 32.53 12.43 3.61
C ASP B 229 33.40 11.20 3.83
N LYS B 230 34.01 10.69 2.79
CA LYS B 230 34.88 9.53 2.99
C LYS B 230 36.04 9.96 3.90
N ALA B 231 36.60 11.15 3.65
CA ALA B 231 37.69 11.67 4.45
C ALA B 231 37.29 11.76 5.92
N ALA B 232 36.01 12.03 6.17
CA ALA B 232 35.53 12.14 7.52
C ALA B 232 35.22 10.78 8.10
N GLY B 233 35.49 9.73 7.32
CA GLY B 233 35.23 8.38 7.80
C GLY B 233 33.83 7.86 7.61
N LEU B 234 33.04 8.53 6.76
CA LEU B 234 31.67 8.10 6.47
C LEU B 234 31.72 7.19 5.26
N ILE B 235 30.69 6.37 5.08
CA ILE B 235 30.68 5.45 3.95
C ILE B 235 29.49 5.70 3.04
N PRO B 236 29.71 6.29 1.86
CA PRO B 236 28.59 6.54 0.96
C PRO B 236 28.02 5.15 0.58
N PHE B 237 26.70 4.97 0.58
CA PHE B 237 26.17 3.67 0.21
C PHE B 237 24.95 3.74 -0.69
N PHE B 238 24.39 4.93 -0.85
CA PHE B 238 23.16 5.05 -1.62
C PHE B 238 22.96 6.46 -2.20
N VAL B 239 22.65 6.51 -3.48
CA VAL B 239 22.40 7.77 -4.15
C VAL B 239 21.08 7.69 -4.88
N VAL B 240 20.26 8.72 -4.73
CA VAL B 240 19.00 8.77 -5.45
C VAL B 240 19.13 9.86 -6.50
N ALA B 241 19.08 9.46 -7.77
CA ALA B 241 19.14 10.41 -8.86
C ALA B 241 17.67 10.64 -9.21
N THR B 242 17.29 11.90 -9.37
CA THR B 242 15.91 12.22 -9.68
C THR B 242 15.78 12.71 -11.10
N LEU B 243 14.87 12.08 -11.84
CA LEU B 243 14.58 12.47 -13.21
C LEU B 243 13.16 13.04 -13.16
N GLY B 244 13.04 14.36 -13.20
CA GLY B 244 11.73 14.98 -13.14
C GLY B 244 11.41 15.45 -11.73
N THR B 245 12.22 16.37 -11.22
CA THR B 245 12.04 16.91 -9.88
C THR B 245 10.71 17.62 -9.75
N THR B 246 10.16 17.60 -8.56
CA THR B 246 8.86 18.18 -8.27
C THR B 246 8.81 19.69 -8.47
N SER B 247 9.84 20.37 -8.02
CA SER B 247 9.86 21.83 -8.12
C SER B 247 9.77 22.35 -9.56
N CYS B 248 10.71 21.95 -10.40
CA CYS B 248 10.74 22.44 -11.77
C CYS B 248 10.96 21.37 -12.83
N CYS B 249 10.72 20.12 -12.47
CA CYS B 249 10.90 19.03 -13.40
C CYS B 249 12.26 19.06 -14.11
N SER B 250 13.33 19.14 -13.32
CA SER B 250 14.67 19.13 -13.87
C SER B 250 15.15 17.68 -13.83
N PHE B 251 16.29 17.40 -14.44
CA PHE B 251 16.80 16.04 -14.49
C PHE B 251 18.24 15.89 -14.04
N ASP B 252 18.47 15.01 -13.07
CA ASP B 252 19.83 14.76 -12.62
C ASP B 252 20.57 14.09 -13.79
N ASN B 253 21.87 14.31 -13.85
CA ASN B 253 22.68 13.76 -14.94
C ASN B 253 23.17 12.34 -14.62
N LEU B 254 22.43 11.37 -15.13
CA LEU B 254 22.73 9.95 -14.93
C LEU B 254 24.05 9.52 -15.57
N LEU B 255 24.36 10.08 -16.73
CA LEU B 255 25.60 9.74 -17.42
C LEU B 255 26.81 10.16 -16.62
N GLU B 256 26.66 11.19 -15.80
CA GLU B 256 27.79 11.63 -14.99
C GLU B 256 27.80 10.90 -13.66
N VAL B 257 26.64 10.82 -13.03
CA VAL B 257 26.50 10.19 -11.73
C VAL B 257 26.66 8.68 -11.74
N GLY B 258 26.17 8.03 -12.80
CA GLY B 258 26.26 6.58 -12.90
C GLY B 258 27.66 6.02 -12.73
N PRO B 259 28.64 6.46 -13.55
CA PRO B 259 30.02 5.96 -13.44
C PRO B 259 30.59 6.11 -12.04
N ILE B 260 30.33 7.26 -11.42
CA ILE B 260 30.83 7.51 -10.08
C ILE B 260 30.28 6.48 -9.09
N CYS B 261 28.97 6.24 -9.14
CA CYS B 261 28.35 5.28 -8.24
C CYS B 261 28.91 3.88 -8.49
N HIS B 262 29.19 3.59 -9.75
CA HIS B 262 29.73 2.29 -10.11
C HIS B 262 31.13 2.14 -9.48
N GLU B 263 31.98 3.12 -9.70
CA GLU B 263 33.34 3.10 -9.19
C GLU B 263 33.41 3.04 -7.67
N GLU B 264 32.52 3.77 -7.01
CA GLU B 264 32.51 3.79 -5.54
C GLU B 264 31.67 2.67 -4.96
N ASP B 265 31.08 1.86 -5.83
CA ASP B 265 30.21 0.79 -5.41
C ASP B 265 29.11 1.34 -4.49
N ILE B 266 28.42 2.36 -4.99
CA ILE B 266 27.34 3.00 -4.28
C ILE B 266 26.06 2.58 -4.99
N TRP B 267 25.04 2.22 -4.23
CA TRP B 267 23.78 1.80 -4.85
C TRP B 267 23.14 3.03 -5.49
N LEU B 268 22.84 2.95 -6.78
CA LEU B 268 22.21 4.08 -7.47
C LEU B 268 20.76 3.77 -7.77
N HIS B 269 19.87 4.51 -7.11
CA HIS B 269 18.45 4.35 -7.34
C HIS B 269 17.97 5.53 -8.17
N VAL B 270 17.19 5.25 -9.20
CA VAL B 270 16.68 6.33 -10.01
C VAL B 270 15.19 6.58 -9.74
N ASP B 271 14.89 7.77 -9.26
CA ASP B 271 13.52 8.16 -8.98
C ASP B 271 13.03 9.00 -10.16
N ALA B 272 12.13 8.45 -10.96
CA ALA B 272 11.59 9.19 -12.11
C ALA B 272 10.07 9.16 -11.98
N ALA B 273 9.57 9.30 -10.76
CA ALA B 273 8.13 9.24 -10.47
C ALA B 273 7.25 9.78 -11.57
N TYR B 274 7.41 11.06 -11.87
CA TYR B 274 6.59 11.70 -12.89
C TYR B 274 7.11 11.54 -14.30
N ALA B 275 8.32 12.02 -14.53
CA ALA B 275 8.91 12.00 -15.86
C ALA B 275 9.03 10.65 -16.52
N GLY B 276 9.16 9.60 -15.71
CA GLY B 276 9.32 8.26 -16.27
C GLY B 276 8.38 7.85 -17.39
N SER B 277 7.13 8.25 -17.28
CA SER B 277 6.15 7.91 -18.31
C SER B 277 6.49 8.46 -19.67
N ALA B 278 7.14 9.62 -19.71
CA ALA B 278 7.50 10.26 -20.98
C ALA B 278 8.52 9.44 -21.76
N PHE B 279 9.29 8.61 -21.05
CA PHE B 279 10.33 7.83 -21.69
C PHE B 279 9.86 6.77 -22.66
N ILE B 280 8.54 6.56 -22.78
CA ILE B 280 8.06 5.60 -23.76
C ILE B 280 8.02 6.31 -25.11
N CYS B 281 8.25 7.62 -25.12
CA CYS B 281 8.27 8.37 -26.37
C CYS B 281 9.74 8.51 -26.72
N PRO B 282 10.14 8.03 -27.90
CA PRO B 282 11.54 8.12 -28.28
C PRO B 282 12.18 9.50 -28.16
N GLU B 283 11.41 10.57 -28.37
CA GLU B 283 11.99 11.91 -28.27
C GLU B 283 12.38 12.33 -26.85
N PHE B 284 11.95 11.57 -25.83
CA PHE B 284 12.32 11.93 -24.45
C PHE B 284 13.23 10.90 -23.80
N ARG B 285 13.36 9.74 -24.46
CA ARG B 285 14.16 8.65 -23.94
C ARG B 285 15.61 8.99 -23.61
N HIS B 286 16.20 9.96 -24.30
CA HIS B 286 17.59 10.33 -24.03
C HIS B 286 17.78 10.80 -22.60
N LEU B 287 16.72 11.34 -21.99
CA LEU B 287 16.80 11.82 -20.62
C LEU B 287 17.06 10.70 -19.63
N LEU B 288 16.77 9.47 -20.05
CA LEU B 288 16.96 8.32 -19.19
C LEU B 288 18.33 7.67 -19.42
N ASN B 289 19.07 8.15 -20.41
CA ASN B 289 20.39 7.58 -20.71
C ASN B 289 21.23 7.54 -19.46
N GLY B 290 21.88 6.41 -19.25
CA GLY B 290 22.70 6.25 -18.06
C GLY B 290 21.99 5.37 -17.06
N VAL B 291 20.75 4.99 -17.34
CA VAL B 291 20.05 4.14 -16.40
C VAL B 291 20.72 2.75 -16.31
N GLU B 292 21.60 2.45 -17.28
CA GLU B 292 22.32 1.18 -17.30
C GLU B 292 23.22 1.09 -16.08
N PHE B 293 23.52 2.24 -15.50
CA PHE B 293 24.35 2.29 -14.30
C PHE B 293 23.54 2.14 -13.03
N ALA B 294 22.22 2.29 -13.13
CA ALA B 294 21.37 2.22 -11.95
C ALA B 294 21.17 0.79 -11.42
N ASP B 295 21.05 0.66 -10.11
CA ASP B 295 20.80 -0.64 -9.51
C ASP B 295 19.30 -0.85 -9.44
N SER B 296 18.55 0.24 -9.34
CA SER B 296 17.09 0.19 -9.27
C SER B 296 16.52 1.42 -10.01
N PHE B 297 15.42 1.22 -10.70
CA PHE B 297 14.79 2.30 -11.45
C PHE B 297 13.33 2.28 -11.09
N ASN B 298 12.75 3.45 -10.87
CA ASN B 298 11.36 3.53 -10.48
C ASN B 298 10.67 4.76 -11.06
N PHE B 299 9.40 4.60 -11.40
CA PHE B 299 8.58 5.72 -11.88
C PHE B 299 7.16 5.30 -11.59
N ASN B 300 6.24 6.27 -11.58
CA ASN B 300 4.86 5.97 -11.26
C ASN B 300 3.88 5.97 -12.42
N PRO B 301 3.41 4.77 -12.81
CA PRO B 301 2.44 4.82 -13.89
C PRO B 301 1.20 5.52 -13.30
N HIS B 302 1.10 5.55 -11.97
CA HIS B 302 -0.08 6.18 -11.35
C HIS B 302 -0.02 7.69 -11.31
N LYS B 303 1.00 8.24 -11.94
CA LYS B 303 1.08 9.68 -12.06
C LYS B 303 0.71 10.02 -13.51
N TRP B 304 1.61 9.69 -14.43
CA TRP B 304 1.44 10.05 -15.82
C TRP B 304 1.30 8.95 -16.88
N LEU B 305 0.82 7.76 -16.51
CA LEU B 305 0.64 6.70 -17.50
C LEU B 305 -0.74 6.08 -17.39
N LEU B 306 -1.66 6.83 -16.82
CA LEU B 306 -3.05 6.40 -16.75
C LEU B 306 -3.37 5.14 -15.96
N VAL B 307 -2.46 4.68 -15.11
CA VAL B 307 -2.76 3.51 -14.29
C VAL B 307 -3.13 4.02 -12.90
N ASN B 308 -4.43 4.06 -12.62
CA ASN B 308 -4.94 4.58 -11.35
C ASN B 308 -4.09 4.23 -10.15
N PHE B 309 -3.92 5.24 -9.29
CA PHE B 309 -3.12 5.08 -8.10
C PHE B 309 -3.32 3.79 -7.40
N ASP B 310 -2.14 3.34 -7.03
CA ASP B 310 -1.77 2.15 -6.37
C ASP B 310 -1.04 1.45 -7.53
N CYS B 311 -0.04 2.11 -8.09
CA CYS B 311 0.79 1.50 -9.13
C CYS B 311 2.08 2.21 -9.42
N SER B 312 3.13 1.84 -8.69
CA SER B 312 4.45 2.38 -8.88
C SER B 312 5.26 1.22 -9.49
N ALA B 313 6.08 1.52 -10.46
CA ALA B 313 6.84 0.48 -11.16
C ALA B 313 8.32 0.53 -10.83
N MET B 314 8.84 -0.58 -10.33
CA MET B 314 10.24 -0.66 -9.97
C MET B 314 10.94 -1.87 -10.58
N TRP B 315 12.15 -1.64 -11.07
CA TRP B 315 12.98 -2.68 -11.66
C TRP B 315 14.33 -2.65 -10.97
N VAL B 316 14.96 -3.81 -10.89
CA VAL B 316 16.30 -3.92 -10.33
C VAL B 316 17.09 -4.80 -11.32
N LYS B 317 18.42 -4.75 -11.25
CA LYS B 317 19.24 -5.57 -12.15
C LYS B 317 19.51 -6.92 -11.48
N ARG B 318 19.46 -6.94 -10.16
CA ARG B 318 19.74 -8.17 -9.42
C ARG B 318 18.70 -8.43 -8.35
N ARG B 319 17.78 -9.36 -8.61
CA ARG B 319 16.74 -9.64 -7.63
C ARG B 319 17.37 -10.06 -6.30
N THR B 320 18.55 -10.67 -6.37
CA THR B 320 19.26 -11.11 -5.17
C THR B 320 19.61 -9.94 -4.25
N ASP B 321 19.99 -8.79 -4.82
CA ASP B 321 20.32 -7.63 -4.00
C ASP B 321 19.07 -7.09 -3.33
N LEU B 322 17.96 -7.14 -4.05
CA LEU B 322 16.70 -6.65 -3.51
C LEU B 322 16.18 -7.65 -2.47
N THR B 323 16.08 -8.88 -2.91
CA THR B 323 15.59 -9.99 -2.08
C THR B 323 16.34 -10.18 -0.77
N GLY B 324 17.64 -9.95 -0.79
CA GLY B 324 18.45 -10.13 0.41
C GLY B 324 18.04 -9.27 1.58
N ALA B 325 17.45 -8.12 1.28
CA ALA B 325 17.01 -7.19 2.30
C ALA B 325 15.78 -7.63 3.09
N PHE B 326 14.99 -8.57 2.55
CA PHE B 326 13.78 -9.00 3.24
C PHE B 326 13.79 -10.45 3.65
N LYS B 327 14.97 -11.06 3.61
CA LYS B 327 15.12 -12.46 3.99
C LYS B 327 15.89 -12.57 5.29
N SER B 340 16.62 -17.15 -11.25
CA SER B 340 16.51 -16.22 -12.41
C SER B 340 15.25 -16.45 -13.27
N GLY B 341 14.94 -15.47 -14.12
CA GLY B 341 13.77 -15.58 -14.97
C GLY B 341 12.47 -15.40 -14.18
N LEU B 342 11.70 -16.47 -14.10
CA LEU B 342 10.42 -16.49 -13.39
C LEU B 342 10.52 -16.01 -11.95
N ILE B 343 9.59 -15.14 -11.57
CA ILE B 343 9.52 -14.64 -10.22
C ILE B 343 8.32 -15.29 -9.55
N THR B 344 8.53 -15.88 -8.38
CA THR B 344 7.41 -16.52 -7.67
C THR B 344 7.17 -15.90 -6.29
N ASP B 345 8.11 -15.10 -5.80
CA ASP B 345 7.99 -14.53 -4.45
C ASP B 345 8.07 -13.03 -4.30
N TYR B 346 7.08 -12.30 -4.83
CA TYR B 346 7.15 -10.85 -4.68
C TYR B 346 7.17 -10.34 -3.25
N ARG B 347 6.93 -11.20 -2.27
CA ARG B 347 6.92 -10.74 -0.89
C ARG B 347 8.31 -10.35 -0.41
N HIS B 348 9.32 -10.69 -1.19
CA HIS B 348 10.69 -10.31 -0.86
C HIS B 348 11.16 -9.11 -1.68
N TRP B 349 10.23 -8.51 -2.41
CA TRP B 349 10.54 -7.36 -3.24
C TRP B 349 9.86 -6.11 -2.75
N GLN B 350 9.09 -6.22 -1.67
CA GLN B 350 8.34 -5.06 -1.15
C GLN B 350 8.21 -5.14 0.36
N LEU B 351 7.76 -4.05 0.98
CA LEU B 351 7.60 -4.02 2.42
C LEU B 351 6.42 -4.86 2.91
N PRO B 352 5.22 -4.65 2.34
CA PRO B 352 4.11 -5.47 2.82
C PRO B 352 4.18 -6.92 2.35
N LEU B 353 3.45 -7.79 3.03
CA LEU B 353 3.43 -9.19 2.69
C LEU B 353 2.30 -9.43 1.69
N GLY B 354 1.13 -8.86 1.96
CA GLY B 354 0.00 -9.01 1.07
C GLY B 354 0.09 -8.06 -0.11
N ARG B 355 -0.79 -8.25 -1.09
CA ARG B 355 -0.82 -7.39 -2.27
C ARG B 355 -2.00 -7.84 -3.09
N ARG B 356 -2.61 -6.92 -3.81
CA ARG B 356 -3.74 -7.31 -4.61
C ARG B 356 -3.28 -7.41 -6.06
N PHE B 357 -4.19 -7.85 -6.91
CA PHE B 357 -3.92 -8.08 -8.32
C PHE B 357 -3.81 -6.77 -9.12
N ARG B 358 -2.92 -5.88 -8.72
CA ARG B 358 -2.78 -4.60 -9.39
C ARG B 358 -2.27 -4.67 -10.84
N SER B 359 -1.59 -5.75 -11.23
CA SER B 359 -1.05 -5.82 -12.59
C SER B 359 -2.17 -5.81 -13.62
N LEU B 360 -3.38 -6.16 -13.19
CA LEU B 360 -4.54 -6.14 -14.06
C LEU B 360 -4.74 -4.72 -14.64
N LYS B 361 -4.52 -3.70 -13.81
CA LYS B 361 -4.69 -2.32 -14.25
C LYS B 361 -3.74 -2.00 -15.37
N MET B 362 -2.49 -2.46 -15.25
CA MET B 362 -1.53 -2.20 -16.31
C MET B 362 -1.95 -2.90 -17.58
N TRP B 363 -2.31 -4.18 -17.46
CA TRP B 363 -2.75 -4.96 -18.60
C TRP B 363 -3.90 -4.30 -19.37
N PHE B 364 -4.94 -3.88 -18.65
CA PHE B 364 -6.08 -3.23 -19.28
C PHE B 364 -5.70 -1.90 -19.92
N VAL B 365 -4.93 -1.09 -19.21
CA VAL B 365 -4.53 0.20 -19.75
C VAL B 365 -3.64 0.03 -21.00
N PHE B 366 -2.62 -0.82 -20.90
CA PHE B 366 -1.72 -1.03 -22.03
C PHE B 366 -2.46 -1.56 -23.26
N ARG B 367 -3.37 -2.51 -23.02
CA ARG B 367 -4.10 -3.09 -24.13
C ARG B 367 -5.21 -2.20 -24.68
N MET B 368 -5.88 -1.46 -23.82
CA MET B 368 -6.95 -0.59 -24.32
C MET B 368 -6.47 0.72 -24.95
N TYR B 369 -5.31 1.22 -24.54
CA TYR B 369 -4.78 2.43 -25.16
C TYR B 369 -3.78 2.03 -26.24
N GLY B 370 -3.03 0.96 -25.98
CA GLY B 370 -2.01 0.54 -26.93
C GLY B 370 -0.85 1.49 -26.71
N VAL B 371 0.35 1.10 -27.10
CA VAL B 371 1.48 2.00 -26.92
C VAL B 371 1.25 3.35 -27.59
N LYS B 372 0.67 3.32 -28.80
CA LYS B 372 0.43 4.55 -29.53
C LYS B 372 -0.53 5.49 -28.81
N GLY B 373 -1.57 4.94 -28.19
CA GLY B 373 -2.50 5.78 -27.46
C GLY B 373 -1.80 6.44 -26.28
N LEU B 374 -0.95 5.68 -25.59
CA LEU B 374 -0.22 6.20 -24.44
C LEU B 374 0.75 7.29 -24.87
N GLN B 375 1.42 7.09 -26.00
CA GLN B 375 2.35 8.10 -26.50
C GLN B 375 1.60 9.37 -26.93
N ALA B 376 0.43 9.21 -27.53
CA ALA B 376 -0.35 10.37 -27.96
C ALA B 376 -0.75 11.19 -26.73
N TYR B 377 -1.13 10.49 -25.67
CA TYR B 377 -1.52 11.11 -24.41
C TYR B 377 -0.38 11.98 -23.87
N ILE B 378 0.82 11.39 -23.77
CA ILE B 378 2.00 12.09 -23.26
C ILE B 378 2.31 13.30 -24.13
N ARG B 379 2.35 13.10 -25.45
CA ARG B 379 2.65 14.18 -26.38
C ARG B 379 1.66 15.31 -26.33
N LYS B 380 0.38 15.00 -26.14
CA LYS B 380 -0.61 16.07 -26.08
C LYS B 380 -0.37 16.94 -24.84
N HIS B 381 -0.04 16.32 -23.71
CA HIS B 381 0.21 17.08 -22.48
C HIS B 381 1.44 17.95 -22.63
N VAL B 382 2.47 17.43 -23.28
CA VAL B 382 3.69 18.19 -23.47
C VAL B 382 3.39 19.37 -24.39
N GLN B 383 2.58 19.12 -25.41
CA GLN B 383 2.20 20.19 -26.32
C GLN B 383 1.45 21.29 -25.55
N LEU B 384 0.53 20.89 -24.67
CA LEU B 384 -0.25 21.84 -23.88
C LEU B 384 0.64 22.63 -22.96
N SER B 385 1.67 21.98 -22.45
CA SER B 385 2.60 22.63 -21.56
C SER B 385 3.34 23.73 -22.34
N HIS B 386 3.74 23.41 -23.56
CA HIS B 386 4.45 24.40 -24.37
C HIS B 386 3.52 25.52 -24.82
N GLU B 387 2.24 25.22 -24.98
CA GLU B 387 1.29 26.25 -25.35
C GLU B 387 1.24 27.25 -24.21
N PHE B 388 1.20 26.75 -22.98
CA PHE B 388 1.16 27.67 -21.84
C PHE B 388 2.47 28.44 -21.79
N GLU B 389 3.59 27.75 -22.02
CA GLU B 389 4.88 28.40 -21.99
C GLU B 389 4.92 29.54 -23.02
N ALA B 390 4.38 29.31 -24.20
CA ALA B 390 4.36 30.33 -25.25
C ALA B 390 3.59 31.56 -24.80
N PHE B 391 2.46 31.37 -24.12
CA PHE B 391 1.67 32.49 -23.60
C PHE B 391 2.54 33.31 -22.68
N VAL B 392 3.21 32.65 -21.74
CA VAL B 392 4.04 33.34 -20.79
C VAL B 392 5.18 34.11 -21.46
N LEU B 393 5.79 33.51 -22.47
CA LEU B 393 6.90 34.13 -23.19
C LEU B 393 6.48 35.37 -23.97
N GLN B 394 5.20 35.47 -24.31
CA GLN B 394 4.66 36.61 -25.06
C GLN B 394 4.38 37.82 -24.16
N ASP B 395 4.23 37.59 -22.86
CA ASP B 395 3.95 38.67 -21.94
C ASP B 395 5.19 39.10 -21.19
N PRO B 396 5.73 40.29 -21.52
CA PRO B 396 6.93 40.86 -20.91
C PRO B 396 6.85 41.08 -19.41
N ARG B 397 5.65 40.94 -18.84
CA ARG B 397 5.48 41.10 -17.41
C ARG B 397 5.85 39.83 -16.65
N PHE B 398 5.83 38.69 -17.36
CA PHE B 398 6.17 37.41 -16.74
C PHE B 398 7.48 36.86 -17.25
N GLU B 399 7.92 35.79 -16.61
CA GLU B 399 9.15 35.12 -17.01
C GLU B 399 9.01 33.63 -16.71
N VAL B 400 9.59 32.79 -17.57
CA VAL B 400 9.58 31.36 -17.35
C VAL B 400 10.85 31.13 -16.54
N CYS B 401 10.73 30.36 -15.46
CA CYS B 401 11.85 30.14 -14.57
C CYS B 401 12.72 28.92 -14.74
N ALA B 402 12.40 28.07 -15.70
CA ALA B 402 13.21 26.89 -15.88
C ALA B 402 12.83 26.27 -17.20
N GLU B 403 13.75 25.52 -17.77
CA GLU B 403 13.49 24.86 -19.02
C GLU B 403 12.21 24.04 -18.92
N VAL B 404 11.37 24.13 -19.95
CA VAL B 404 10.12 23.39 -19.99
C VAL B 404 10.34 22.18 -20.88
N THR B 405 10.34 21.00 -20.28
CA THR B 405 10.55 19.78 -21.05
C THR B 405 9.33 18.89 -21.12
N LEU B 406 8.61 18.79 -20.01
CA LEU B 406 7.43 17.95 -19.97
C LEU B 406 6.18 18.76 -19.62
N GLY B 407 5.28 18.21 -18.82
CA GLY B 407 4.03 18.92 -18.53
C GLY B 407 4.03 19.95 -17.42
N LEU B 408 5.17 20.55 -17.13
CA LEU B 408 5.25 21.53 -16.07
C LEU B 408 5.92 22.82 -16.52
N VAL B 409 5.30 23.95 -16.18
CA VAL B 409 5.88 25.25 -16.49
C VAL B 409 5.99 26.02 -15.20
N CYS B 410 7.19 26.51 -14.93
CA CYS B 410 7.45 27.30 -13.74
C CYS B 410 7.50 28.73 -14.22
N PHE B 411 6.71 29.60 -13.62
CA PHE B 411 6.71 30.97 -14.08
C PHE B 411 6.44 31.91 -12.93
N ARG B 412 6.66 33.19 -13.19
CA ARG B 412 6.42 34.19 -12.18
C ARG B 412 6.29 35.55 -12.82
N LEU B 413 5.68 36.44 -12.07
CA LEU B 413 5.48 37.80 -12.48
C LEU B 413 6.82 38.43 -12.16
N LYS B 414 7.41 39.15 -13.11
CA LYS B 414 8.69 39.81 -12.86
C LYS B 414 8.49 40.76 -11.70
N GLY B 415 9.32 40.65 -10.68
CA GLY B 415 9.15 41.50 -9.52
C GLY B 415 9.48 40.72 -8.26
N SER B 416 8.99 41.21 -7.12
CA SER B 416 9.25 40.58 -5.83
C SER B 416 8.46 39.30 -5.59
N ASP B 417 8.91 38.53 -4.61
CA ASP B 417 8.25 37.31 -4.23
C ASP B 417 6.89 37.68 -3.66
N GLY B 418 6.85 38.78 -2.90
CA GLY B 418 5.60 39.21 -2.33
C GLY B 418 4.53 39.44 -3.37
N LEU B 419 4.93 39.97 -4.52
CA LEU B 419 4.00 40.24 -5.62
C LEU B 419 3.45 38.90 -6.13
N ASN B 420 4.34 37.92 -6.29
CA ASN B 420 3.93 36.62 -6.77
C ASN B 420 3.10 35.85 -5.75
N GLU B 421 3.41 36.00 -4.47
CA GLU B 421 2.62 35.34 -3.43
C GLU B 421 1.23 35.94 -3.49
N ALA B 422 1.16 37.24 -3.76
CA ALA B 422 -0.14 37.92 -3.84
C ALA B 422 -0.90 37.41 -5.06
N LEU B 423 -0.19 37.21 -6.17
CA LEU B 423 -0.82 36.70 -7.37
C LEU B 423 -1.41 35.31 -7.08
N LEU B 424 -0.64 34.47 -6.40
CA LEU B 424 -1.10 33.12 -6.06
C LEU B 424 -2.37 33.18 -5.20
N GLU B 425 -2.38 34.06 -4.21
CA GLU B 425 -3.55 34.22 -3.34
C GLU B 425 -4.74 34.63 -4.16
N ARG B 426 -4.54 35.54 -5.12
CA ARG B 426 -5.63 35.99 -5.97
C ARG B 426 -6.18 34.81 -6.75
N ILE B 427 -5.28 33.98 -7.29
CA ILE B 427 -5.68 32.82 -8.07
C ILE B 427 -6.47 31.83 -7.21
N ASN B 428 -5.97 31.49 -6.04
CA ASN B 428 -6.66 30.57 -5.14
C ASN B 428 -8.01 31.11 -4.69
N SER B 429 -8.05 32.41 -4.39
CA SER B 429 -9.30 33.03 -3.96
C SER B 429 -10.34 33.07 -5.07
N ALA B 430 -9.90 33.16 -6.32
CA ALA B 430 -10.85 33.21 -7.41
C ALA B 430 -11.55 31.88 -7.63
N ARG B 431 -10.91 30.79 -7.20
CA ARG B 431 -11.48 29.44 -7.31
C ARG B 431 -11.77 28.94 -8.72
N LYS B 432 -11.11 29.48 -9.73
CA LYS B 432 -11.36 29.00 -11.09
C LYS B 432 -10.37 27.87 -11.42
N ILE B 433 -9.12 28.06 -11.07
CA ILE B 433 -8.10 27.06 -11.32
C ILE B 433 -7.31 26.85 -10.02
N HIS B 434 -6.56 25.76 -9.95
CA HIS B 434 -5.79 25.47 -8.76
C HIS B 434 -4.35 25.15 -9.16
N LEU B 435 -3.41 25.87 -8.54
CA LEU B 435 -1.96 25.71 -8.80
C LEU B 435 -1.29 25.77 -7.45
N VAL B 436 -0.03 25.38 -7.39
CA VAL B 436 0.71 25.47 -6.16
C VAL B 436 2.04 26.10 -6.53
N PRO B 437 2.73 26.69 -5.55
CA PRO B 437 4.02 27.31 -5.84
C PRO B 437 5.16 26.44 -5.38
N CYS B 438 6.36 26.97 -5.49
CA CYS B 438 7.54 26.29 -5.01
C CYS B 438 8.61 27.37 -4.95
N ARG B 439 9.75 27.04 -4.37
CA ARG B 439 10.82 28.00 -4.30
C ARG B 439 12.01 27.45 -5.05
N LEU B 440 12.53 28.26 -5.96
CA LEU B 440 13.70 27.91 -6.74
C LEU B 440 14.79 28.88 -6.32
N ARG B 441 15.71 28.41 -5.49
CA ARG B 441 16.77 29.26 -4.99
C ARG B 441 16.14 30.42 -4.22
N GLY B 442 15.34 30.08 -3.20
CA GLY B 442 14.69 31.10 -2.39
C GLY B 442 13.65 31.95 -3.09
N GLN B 443 13.66 31.94 -4.42
CA GLN B 443 12.72 32.70 -5.21
C GLN B 443 11.36 32.02 -5.30
N PHE B 444 10.29 32.79 -5.07
CA PHE B 444 8.93 32.26 -5.11
C PHE B 444 8.51 32.08 -6.57
N VAL B 445 8.09 30.87 -6.90
CA VAL B 445 7.71 30.56 -8.28
C VAL B 445 6.33 29.89 -8.35
N LEU B 446 5.57 30.15 -9.40
CA LEU B 446 4.26 29.53 -9.58
C LEU B 446 4.47 28.33 -10.48
N ARG B 447 3.77 27.24 -10.21
CA ARG B 447 3.89 26.04 -11.03
C ARG B 447 2.60 25.81 -11.79
N PHE B 448 2.72 25.53 -13.07
CA PHE B 448 1.56 25.24 -13.89
C PHE B 448 1.82 23.83 -14.42
N ALA B 449 1.07 22.86 -13.92
CA ALA B 449 1.23 21.48 -14.33
C ALA B 449 0.00 20.97 -15.06
N ILE B 450 0.22 20.39 -16.24
CA ILE B 450 -0.85 19.84 -17.05
C ILE B 450 -1.16 18.51 -16.34
N CYS B 451 -2.37 18.38 -15.81
CA CYS B 451 -2.75 17.20 -15.06
C CYS B 451 -3.85 16.30 -15.60
N SER B 452 -5.03 16.88 -15.79
CA SER B 452 -6.19 16.14 -16.23
C SER B 452 -6.05 15.39 -17.55
N ARG B 453 -6.62 14.20 -17.59
CA ARG B 453 -6.60 13.39 -18.80
C ARG B 453 -7.31 14.16 -19.91
N LYS B 454 -8.25 15.01 -19.54
CA LYS B 454 -8.99 15.76 -20.56
C LYS B 454 -8.74 17.26 -20.68
N VAL B 455 -7.54 17.70 -20.33
CA VAL B 455 -7.22 19.10 -20.51
C VAL B 455 -7.11 19.31 -22.03
N GLU B 456 -7.59 20.44 -22.53
CA GLU B 456 -7.53 20.76 -23.95
C GLU B 456 -6.88 22.14 -24.04
N SER B 457 -6.51 22.57 -25.25
CA SER B 457 -5.90 23.88 -25.42
C SER B 457 -6.80 24.98 -24.86
N GLY B 458 -8.10 24.82 -25.04
CA GLY B 458 -9.02 25.83 -24.55
C GLY B 458 -8.86 26.08 -23.06
N HIS B 459 -8.75 25.01 -22.29
CA HIS B 459 -8.59 25.13 -20.84
C HIS B 459 -7.32 25.88 -20.51
N VAL B 460 -6.22 25.52 -21.18
CA VAL B 460 -4.96 26.18 -20.92
C VAL B 460 -5.05 27.66 -21.26
N ARG B 461 -5.69 27.98 -22.39
CA ARG B 461 -5.88 29.35 -22.83
C ARG B 461 -6.68 30.11 -21.78
N LEU B 462 -7.82 29.56 -21.37
CA LEU B 462 -8.63 30.23 -20.36
C LEU B 462 -7.88 30.39 -19.04
N ALA B 463 -7.07 29.41 -18.69
CA ALA B 463 -6.31 29.48 -17.44
C ALA B 463 -5.31 30.62 -17.53
N TRP B 464 -4.68 30.76 -18.70
CA TRP B 464 -3.70 31.82 -18.88
C TRP B 464 -4.37 33.19 -18.86
N GLU B 465 -5.50 33.31 -19.57
CA GLU B 465 -6.21 34.57 -19.58
C GLU B 465 -6.62 34.96 -18.17
N HIS B 466 -7.11 33.97 -17.42
CA HIS B 466 -7.51 34.21 -16.06
C HIS B 466 -6.33 34.70 -15.23
N ILE B 467 -5.18 34.05 -15.38
CA ILE B 467 -3.98 34.44 -14.64
C ILE B 467 -3.47 35.82 -15.07
N ARG B 468 -3.49 36.08 -16.38
CA ARG B 468 -3.01 37.35 -16.89
C ARG B 468 -3.88 38.48 -16.36
N GLY B 469 -5.19 38.25 -16.33
CA GLY B 469 -6.11 39.26 -15.85
C GLY B 469 -5.84 39.62 -14.40
N LEU B 470 -5.71 38.61 -13.55
CA LEU B 470 -5.44 38.84 -12.14
C LEU B 470 -4.13 39.59 -11.98
N ALA B 471 -3.13 39.23 -12.80
CA ALA B 471 -1.83 39.88 -12.73
C ALA B 471 -1.97 41.37 -13.05
N ALA B 472 -2.81 41.70 -14.03
CA ALA B 472 -3.02 43.10 -14.40
C ALA B 472 -3.59 43.88 -13.23
N GLU B 473 -4.69 43.40 -12.65
CA GLU B 473 -5.33 44.06 -11.52
C GLU B 473 -4.29 44.31 -10.43
N LEU B 474 -3.57 43.25 -10.08
CA LEU B 474 -2.56 43.31 -9.05
C LEU B 474 -1.49 44.36 -9.34
N LEU B 475 -1.03 44.40 -10.58
CA LEU B 475 0.01 45.36 -10.97
C LEU B 475 -0.45 46.82 -10.82
N ALA B 476 -1.75 47.06 -10.93
CA ALA B 476 -2.30 48.39 -10.76
C ALA B 476 -2.30 48.79 -9.27
S SO4 C . -24.09 -13.67 -3.33
O1 SO4 C . -23.95 -15.09 -2.93
O2 SO4 C . -24.28 -12.83 -2.12
O3 SO4 C . -25.28 -13.51 -4.18
O4 SO4 C . -22.87 -13.26 -4.06
S SO4 D . 6.44 16.99 6.31
O1 SO4 D . 7.24 17.77 5.33
O2 SO4 D . 6.05 15.72 5.69
O3 SO4 D . 5.24 17.77 6.69
O4 SO4 D . 7.27 16.72 7.51
N1 PLP E . -0.71 -10.70 11.93
C2 PLP E . -1.41 -11.86 11.87
C2A PLP E . -1.78 -12.56 13.18
C3 PLP E . -1.78 -12.40 10.65
O3 PLP E . -2.55 -13.53 10.58
C4 PLP E . -1.42 -11.74 9.48
C4A PLP E . -2.16 -12.02 8.18
C5 PLP E . -0.68 -10.57 9.57
C6 PLP E . -0.34 -10.06 10.79
C5A PLP E . -0.35 -9.76 8.31
O4P PLP E . -1.54 -9.11 7.83
P PLP E . -1.61 -8.47 6.37
O1P PLP E . -2.64 -7.41 6.40
O2P PLP E . -0.16 -7.78 6.24
O3P PLP E . -1.70 -9.55 5.37
NN 142 F . -1.64 -14.25 7.29
N 142 F . -2.29 -12.97 7.27
CA 142 F . -2.19 -15.12 6.55
CB 142 F . -2.40 -14.64 5.08
CB1 142 F . -3.55 -15.49 7.15
CG 142 F . -3.51 -13.62 4.78
CD1 142 F . -3.19 -12.29 4.51
CE1 142 F . -4.16 -11.33 4.21
CD2 142 F . -4.87 -13.97 4.74
CE2 142 F . -5.87 -13.01 4.42
CZ 142 F . -5.49 -11.68 4.17
OH 142 F . -6.42 -10.70 3.86
OE1 142 F . -3.83 -10.01 3.94
C 142 F . -1.28 -16.36 6.49
O 142 F . -1.71 -17.32 5.81
OXT 142 F . -0.06 -16.11 6.53
S SO4 G . -14.37 11.58 -20.92
O1 SO4 G . -14.08 13.02 -21.05
O2 SO4 G . -13.30 10.81 -21.57
O3 SO4 G . -15.64 11.26 -21.62
O4 SO4 G . -14.48 11.24 -19.47
S SO4 H . 9.69 -15.84 4.22
O1 SO4 H . 9.20 -16.60 5.39
O2 SO4 H . 8.90 -14.59 4.10
O3 SO4 H . 9.53 -16.66 3.01
O4 SO4 H . 11.11 -15.51 4.42
N1 PLP I . 9.60 11.25 -6.32
C2 PLP I . 9.12 12.37 -6.94
C2A PLP I . 10.04 13.14 -7.90
C3 PLP I . 7.82 12.77 -6.71
O3 PLP I . 7.31 13.87 -7.37
C4 PLP I . 7.01 12.04 -5.88
C4A PLP I . 5.49 12.20 -5.90
C5 PLP I . 7.52 10.91 -5.25
C6 PLP I . 8.81 10.54 -5.47
C5A PLP I . 6.62 10.04 -4.39
O4P PLP I . 5.69 9.31 -5.20
P PLP I . 4.40 8.63 -4.57
O1P PLP I . 4.05 7.46 -5.43
O2P PLP I . 4.96 8.09 -3.17
O3P PLP I . 3.38 9.66 -4.30
NN 142 J . 4.73 14.47 -5.28
N 142 J . 4.53 13.11 -5.68
CA 142 J . 3.73 15.25 -5.51
CB 142 J . 2.37 14.70 -5.01
CB1 142 J . 3.65 15.50 -7.03
CG 142 J . 1.70 13.60 -5.83
CD1 142 J . 1.73 12.26 -5.39
CE1 142 J . 1.14 11.23 -6.13
CD2 142 J . 1.06 13.87 -7.06
CE2 142 J . 0.47 12.82 -7.83
CZ 142 J . 0.53 11.50 -7.34
OH 142 J . -0.03 10.43 -8.02
OE1 142 J . 1.18 9.93 -5.67
C 142 J . 3.99 16.56 -4.77
O 142 J . 3.62 17.65 -5.27
OXT 142 J . 4.76 16.46 -3.79
#